data_6HRV
#
_entry.id   6HRV
#
_cell.length_a   133.160
_cell.length_b   81.940
_cell.length_c   96.810
_cell.angle_alpha   90.00
_cell.angle_beta   125.81
_cell.angle_gamma   90.00
#
_symmetry.space_group_name_H-M   'C 1 2 1'
#
loop_
_entity.id
_entity.type
_entity.pdbx_description
1 polymer 'SCP2-thiolase (type-1)'
2 polymer 'SCP2-thiolase (type-1)'
3 non-polymer GLYCEROL
4 non-polymer 'ACETATE ION'
5 water water
#
loop_
_entity_poly.entity_id
_entity_poly.type
_entity_poly.pdbx_seq_one_letter_code
_entity_poly.pdbx_strand_id
1 'polypeptide(L)'
;MHHHHHHAMAALRNRVFVIGVGMTKFEKPGARDIDYPDMAKEAGQRALADAGIKYSAIQQACVGYVYGDSTCGQRAIYHS
LGLSGIPIINVNNNCSTGSTALFMGRQLIQGGLADCVLALGFEKMERGSLSSKYMDRTNPMDKHMEVMINRYGLAAVPAA
PQMFGNAGREHMEKYGTKPEHFAKVAWKNHKHSTNNPYSQFQDEYSLEQVIDSRKVFEFLTLLQCCPTSDGAGAAVLASE
SFVRRNGLEKKAVEIVAQEMVTDLSTTFEENSCMKMVGYDMTRLAAERCYDTAGVKPSDVDVIELHDCFSANELITYEAL
GLCPEGKAGELIDRGDNTYGGKWVINPSGGLISKGHPLGATGLAQCAELCWQLRAEAGPRQVPGAKLALQHNIGLGGAVV
VTLYKMGFPQETSSRIAAVST
;
A
2 'polypeptide(L)'
;MHHHHHHAMAALRNRVFVIGVGMTKFEKPGARDIDYPDMAKEAGQRALADAGIKYSAIQQACVGYVYGDSTCGQRAIYHS
LGLSGIPIINVNNN(CSO)STGSTALFMGRQLIQGGLADCVLALGFEKMERGSLSSKYMDRTNPMDKHMEVMINRYGLAA
VPAAPQMFGNAGREHMEKYGTKPEHFAKVAWKNHKHSTNNPYSQFQDEYSLEQVIDSRKVFEFLTLLQCCPTSDGAGAAV
LASESFVRRNGLEKKAVEIVAQEMVTDLSTTFEENSCMKMVGYDMTRLAAERCYDTAGVKPSDVDVIELHDCFSANELIT
YEALGLCPEGKAGELIDRGDNTYGGKWVINPSGGLISKGHPLGATGLAQCAELCWQLRAEAGPRQVPGAKLALQHNIGLG
GAVVVTLYKMGFPQETSSRIAAVST
;
B
#
# COMPACT_ATOMS: atom_id res chain seq x y z
N ASN A 14 11.12 4.40 29.55
CA ASN A 14 12.18 3.34 29.65
C ASN A 14 11.99 2.29 28.56
N ARG A 15 12.80 2.35 27.50
CA ARG A 15 12.69 1.44 26.39
C ARG A 15 13.14 0.02 26.77
N VAL A 16 12.50 -0.99 26.15
CA VAL A 16 12.77 -2.39 26.51
C VAL A 16 13.21 -3.18 25.29
N PHE A 17 14.25 -4.01 25.48
CA PHE A 17 14.81 -4.85 24.42
C PHE A 17 14.87 -6.30 24.82
N VAL A 18 14.53 -7.14 23.85
CA VAL A 18 14.84 -8.53 23.88
C VAL A 18 16.21 -8.69 23.23
N ILE A 19 17.16 -9.19 24.01
CA ILE A 19 18.56 -9.31 23.59
C ILE A 19 19.01 -10.72 23.38
N GLY A 20 18.19 -11.69 23.76
CA GLY A 20 18.43 -13.06 23.38
C GLY A 20 17.18 -13.91 23.53
N VAL A 21 17.12 -14.96 22.74
CA VAL A 21 15.96 -15.86 22.68
C VAL A 21 16.44 -17.30 22.52
N GLY A 22 15.59 -18.23 22.93
CA GLY A 22 15.91 -19.62 22.90
C GLY A 22 14.66 -20.45 23.15
N MET A 23 14.62 -21.62 22.54
CA MET A 23 13.54 -22.56 22.83
C MET A 23 14.01 -23.96 22.56
N THR A 24 13.32 -24.90 23.16
CA THR A 24 13.48 -26.28 22.82
C THR A 24 12.64 -26.55 21.59
N LYS A 25 12.91 -27.65 20.90
CA LYS A 25 11.92 -28.18 19.96
C LYS A 25 10.64 -28.46 20.75
N PHE A 26 9.50 -28.21 20.11
CA PHE A 26 8.22 -28.52 20.69
C PHE A 26 7.82 -29.90 20.18
N GLU A 27 7.70 -30.87 21.09
CA GLU A 27 7.44 -32.27 20.68
C GLU A 27 6.21 -32.85 21.31
N LYS A 28 5.70 -33.90 20.68
CA LYS A 28 4.62 -34.67 21.23
C LYS A 28 4.91 -35.06 22.68
N PRO A 29 3.94 -34.88 23.57
CA PRO A 29 4.17 -35.34 24.94
C PRO A 29 4.65 -36.78 25.02
N GLY A 30 5.75 -36.99 25.73
CA GLY A 30 6.35 -38.32 25.87
C GLY A 30 7.28 -38.77 24.75
N ALA A 31 7.43 -37.99 23.68
CA ALA A 31 8.36 -38.32 22.60
C ALA A 31 9.82 -38.12 23.07
N ARG A 32 10.04 -37.18 23.95
CA ARG A 32 11.38 -36.89 24.45
C ARG A 32 11.33 -37.07 25.95
N ASP A 33 12.23 -37.89 26.46
CA ASP A 33 12.22 -38.33 27.83
C ASP A 33 13.13 -37.43 28.68
N ILE A 34 12.73 -36.17 28.89
CA ILE A 34 13.38 -35.32 29.89
C ILE A 34 12.31 -34.59 30.69
N ASP A 35 12.60 -34.21 31.92
CA ASP A 35 11.61 -33.55 32.74
C ASP A 35 11.68 -32.01 32.49
N TYR A 36 10.69 -31.28 33.00
CA TYR A 36 10.57 -29.85 32.74
C TYR A 36 11.81 -29.03 33.15
N PRO A 37 12.55 -29.43 34.24
CA PRO A 37 13.72 -28.61 34.53
C PRO A 37 14.75 -28.66 33.44
N ASP A 38 14.96 -29.83 32.86
CA ASP A 38 15.91 -29.95 31.74
C ASP A 38 15.42 -29.21 30.49
N MET A 39 14.09 -29.20 30.26
CA MET A 39 13.53 -28.45 29.13
C MET A 39 13.81 -26.99 29.35
N ALA A 40 13.54 -26.54 30.57
CA ALA A 40 13.75 -25.14 30.91
C ALA A 40 15.22 -24.72 30.77
N LYS A 41 16.11 -25.61 31.22
CA LYS A 41 17.54 -25.37 31.14
C LYS A 41 17.97 -25.21 29.69
N GLU A 42 17.49 -26.09 28.80
CA GLU A 42 17.90 -25.98 27.39
C GLU A 42 17.44 -24.66 26.79
N ALA A 43 16.16 -24.31 26.98
CA ALA A 43 15.68 -23.00 26.46
C ALA A 43 16.43 -21.82 27.08
N GLY A 44 16.52 -21.82 28.41
CA GLY A 44 17.11 -20.69 29.11
C GLY A 44 18.59 -20.50 28.77
N GLN A 45 19.34 -21.58 28.81
CA GLN A 45 20.78 -21.53 28.47
C GLN A 45 20.97 -21.10 27.02
N ARG A 46 20.07 -21.51 26.15
CA ARG A 46 20.12 -21.05 24.77
C ARG A 46 19.91 -19.55 24.67
N ALA A 47 18.93 -19.02 25.42
CA ALA A 47 18.62 -17.58 25.34
C ALA A 47 19.78 -16.75 25.93
N LEU A 48 20.34 -17.25 27.02
CA LEU A 48 21.48 -16.64 27.65
C LEU A 48 22.75 -16.61 26.79
N ALA A 49 23.01 -17.72 26.09
CA ALA A 49 24.12 -17.76 25.11
C ALA A 49 23.84 -16.83 23.95
N ASP A 50 22.59 -16.75 23.50
CA ASP A 50 22.23 -15.83 22.40
C ASP A 50 22.43 -14.37 22.82
N ALA A 51 22.04 -14.07 24.06
CA ALA A 51 22.22 -12.75 24.62
C ALA A 51 23.71 -12.33 24.75
N GLY A 52 24.56 -13.28 25.12
CA GLY A 52 26.00 -13.03 25.28
C GLY A 52 26.35 -12.37 26.60
N ILE A 53 25.64 -12.76 27.68
CA ILE A 53 25.83 -12.19 28.99
C ILE A 53 26.16 -13.30 29.96
N LYS A 54 26.71 -12.94 31.11
CA LYS A 54 26.89 -13.90 32.19
C LYS A 54 25.55 -14.17 32.87
N TYR A 55 25.47 -15.31 33.55
CA TYR A 55 24.27 -15.74 34.23
C TYR A 55 23.97 -14.79 35.36
N SER A 56 25.02 -14.24 35.97
CA SER A 56 24.86 -13.28 37.06
C SER A 56 24.24 -11.96 36.64
N ALA A 57 24.27 -11.61 35.35
CA ALA A 57 23.55 -10.40 34.91
C ALA A 57 22.02 -10.47 35.07
N ILE A 58 21.43 -11.67 35.14
CA ILE A 58 19.98 -11.80 35.35
C ILE A 58 19.64 -11.39 36.77
N GLN A 59 18.81 -10.35 36.90
CA GLN A 59 18.45 -9.78 38.21
C GLN A 59 17.12 -10.32 38.72
N GLN A 60 16.21 -10.65 37.80
CA GLN A 60 14.95 -11.31 38.15
C GLN A 60 14.52 -12.25 37.05
N ALA A 61 13.72 -13.24 37.43
CA ALA A 61 13.17 -14.19 36.47
C ALA A 61 11.66 -14.24 36.58
N CYS A 62 10.99 -14.25 35.43
CA CYS A 62 9.54 -14.37 35.39
C CYS A 62 9.24 -15.68 34.66
N VAL A 63 8.47 -16.54 35.28
CA VAL A 63 8.35 -17.93 34.87
C VAL A 63 6.90 -18.29 34.70
N GLY A 64 6.56 -18.70 33.48
CA GLY A 64 5.17 -19.03 33.12
C GLY A 64 5.02 -20.51 32.90
N TYR A 65 4.11 -21.11 33.65
CA TYR A 65 3.74 -22.52 33.47
C TYR A 65 2.38 -22.70 34.11
N VAL A 66 1.62 -23.65 33.59
CA VAL A 66 0.22 -23.85 33.97
C VAL A 66 0.05 -25.00 34.93
N TYR A 67 0.77 -26.11 34.71
CA TYR A 67 0.53 -27.37 35.43
C TYR A 67 1.59 -27.51 36.47
N GLY A 68 1.25 -28.06 37.65
CA GLY A 68 2.21 -28.27 38.75
C GLY A 68 2.16 -27.21 39.85
N ASP A 69 2.85 -27.45 40.97
CA ASP A 69 2.76 -26.58 42.16
C ASP A 69 3.62 -25.33 42.04
N SER A 70 3.53 -24.47 43.05
CA SER A 70 4.22 -23.17 43.05
C SER A 70 5.75 -23.22 43.06
N THR A 71 6.35 -24.36 43.37
CA THR A 71 7.81 -24.49 43.44
C THR A 71 8.44 -24.81 42.08
N CYS A 72 7.65 -25.18 41.09
CA CYS A 72 8.25 -25.64 39.82
C CYS A 72 9.10 -24.56 39.14
N GLY A 73 8.66 -23.31 39.22
CA GLY A 73 9.39 -22.17 38.64
C GLY A 73 10.77 -21.98 39.22
N GLN A 74 10.86 -22.00 40.55
CA GLN A 74 12.14 -21.97 41.25
C GLN A 74 12.98 -23.17 40.91
N ARG A 75 12.40 -24.36 40.94
CA ARG A 75 13.17 -25.57 40.61
C ARG A 75 13.75 -25.46 39.19
N ALA A 76 12.96 -24.99 38.22
CA ALA A 76 13.47 -24.81 36.82
C ALA A 76 14.62 -23.79 36.77
N ILE A 77 14.49 -22.69 37.52
CA ILE A 77 15.48 -21.63 37.48
C ILE A 77 16.79 -22.06 38.13
N TYR A 78 16.72 -22.69 39.29
CA TYR A 78 17.93 -23.15 39.94
C TYR A 78 18.64 -24.25 39.11
N HIS A 79 17.89 -25.19 38.54
CA HIS A 79 18.50 -26.19 37.66
C HIS A 79 19.18 -25.55 36.42
N SER A 80 18.64 -24.42 35.95
CA SER A 80 19.15 -23.74 34.76
C SER A 80 20.35 -22.84 35.03
N LEU A 81 20.26 -22.03 36.07
CA LEU A 81 21.25 -21.00 36.36
C LEU A 81 22.13 -21.32 37.56
N GLY A 82 21.76 -22.31 38.36
CA GLY A 82 22.41 -22.52 39.67
C GLY A 82 21.64 -21.80 40.74
N LEU A 83 22.02 -22.05 41.98
CA LEU A 83 21.32 -21.45 43.10
C LEU A 83 21.59 -19.96 43.10
N SER A 84 20.57 -19.17 43.40
CA SER A 84 20.77 -17.74 43.64
C SER A 84 19.64 -17.23 44.49
N GLY A 85 19.76 -15.98 44.92
CA GLY A 85 18.74 -15.31 45.70
C GLY A 85 17.90 -14.34 44.89
N ILE A 86 17.95 -14.39 43.55
CA ILE A 86 17.17 -13.45 42.75
C ILE A 86 15.66 -13.72 42.93
N PRO A 87 14.83 -12.67 42.76
CA PRO A 87 13.39 -12.90 42.66
C PRO A 87 13.04 -13.86 41.49
N ILE A 88 12.16 -14.79 41.79
CA ILE A 88 11.61 -15.73 40.84
C ILE A 88 10.10 -15.54 40.96
N ILE A 89 9.54 -14.94 39.93
CA ILE A 89 8.16 -14.57 39.93
C ILE A 89 7.36 -15.54 39.08
N ASN A 90 6.35 -16.18 39.69
CA ASN A 90 5.45 -17.07 38.94
C ASN A 90 4.39 -16.20 38.28
N VAL A 91 4.37 -16.22 36.95
CA VAL A 91 3.42 -15.44 36.15
C VAL A 91 1.96 -15.80 36.49
N ASN A 92 1.65 -17.07 36.67
CA ASN A 92 0.26 -17.50 36.85
C ASN A 92 0.00 -17.64 38.35
N ASN A 93 -0.59 -16.60 38.94
CA ASN A 93 -0.90 -16.58 40.39
C ASN A 93 -2.37 -16.99 40.53
N ASN A 94 -2.97 -16.79 41.70
CA ASN A 94 -4.40 -17.06 41.88
C ASN A 94 -5.30 -15.82 41.78
N CYS A 95 -4.81 -14.65 42.23
CA CYS A 95 -5.67 -13.49 42.52
C CYS A 95 -5.71 -12.40 41.43
N SER A 96 -5.14 -12.65 40.26
CA SER A 96 -4.98 -11.60 39.22
C SER A 96 -5.37 -12.01 37.80
N THR A 97 -5.03 -13.23 37.41
CA THR A 97 -5.46 -13.79 36.13
C THR A 97 -5.20 -12.79 34.98
N SER A 99 -1.30 -12.83 33.44
CA SER A 99 -0.28 -12.15 32.60
C SER A 99 0.46 -13.10 31.65
N THR A 100 1.61 -12.68 31.12
CA THR A 100 2.54 -13.59 30.46
C THR A 100 3.94 -13.28 30.94
N ALA A 101 4.85 -14.22 30.76
CA ALA A 101 6.23 -14.07 31.20
C ALA A 101 6.91 -12.88 30.53
N LEU A 102 6.67 -12.73 29.23
CA LEU A 102 7.23 -11.65 28.48
C LEU A 102 6.66 -10.31 28.90
N PHE A 103 5.35 -10.25 29.11
CA PHE A 103 4.71 -9.03 29.53
C PHE A 103 5.26 -8.60 30.88
N MET A 104 5.34 -9.54 31.83
CA MET A 104 5.85 -9.22 33.16
C MET A 104 7.30 -8.80 33.09
N GLY A 105 8.09 -9.49 32.27
CA GLY A 105 9.50 -9.13 32.08
C GLY A 105 9.63 -7.68 31.62
N ARG A 106 8.82 -7.34 30.63
CA ARG A 106 8.84 -6.01 30.04
C ARG A 106 8.41 -4.97 31.08
N GLN A 107 7.39 -5.30 31.89
CA GLN A 107 7.00 -4.41 32.97
C GLN A 107 8.18 -4.14 33.90
N LEU A 108 8.92 -5.18 34.26
CA LEU A 108 10.03 -4.98 35.19
C LEU A 108 11.07 -4.02 34.63
N ILE A 109 11.42 -4.17 33.36
CA ILE A 109 12.40 -3.28 32.74
C ILE A 109 11.79 -1.88 32.62
N GLN A 110 10.60 -1.78 32.06
CA GLN A 110 9.98 -0.46 31.81
C GLN A 110 9.72 0.33 33.09
N GLY A 111 9.27 -0.37 34.12
CA GLY A 111 9.10 0.23 35.42
C GLY A 111 10.37 0.53 36.23
N GLY A 112 11.55 0.26 35.69
CA GLY A 112 12.80 0.58 36.40
C GLY A 112 13.11 -0.33 37.57
N LEU A 113 12.40 -1.47 37.69
CA LEU A 113 12.61 -2.42 38.79
C LEU A 113 13.74 -3.41 38.51
N ALA A 114 14.20 -3.49 37.27
CA ALA A 114 15.39 -4.26 36.91
C ALA A 114 15.95 -3.74 35.60
N ASP A 115 17.22 -4.03 35.39
CA ASP A 115 17.95 -3.72 34.20
C ASP A 115 18.02 -4.90 33.23
N CYS A 116 17.99 -6.13 33.75
CA CYS A 116 18.14 -7.32 32.94
C CYS A 116 17.36 -8.46 33.57
N VAL A 117 16.49 -9.09 32.79
CA VAL A 117 15.62 -10.16 33.30
C VAL A 117 15.48 -11.36 32.34
N LEU A 118 15.21 -12.52 32.94
CA LEU A 118 14.93 -13.74 32.16
C LEU A 118 13.45 -14.03 32.22
N ALA A 119 12.81 -14.04 31.06
CA ALA A 119 11.47 -14.61 30.91
C ALA A 119 11.58 -16.07 30.46
N LEU A 120 10.93 -16.96 31.20
CA LEU A 120 11.06 -18.39 31.01
C LEU A 120 9.64 -18.97 31.04
N GLY A 121 9.34 -19.82 30.07
CA GLY A 121 8.07 -20.52 29.98
C GLY A 121 8.23 -21.99 29.63
N PHE A 122 7.43 -22.88 30.22
CA PHE A 122 7.56 -24.30 29.92
C PHE A 122 6.30 -25.06 30.22
N GLU A 123 6.20 -26.22 29.62
CA GLU A 123 5.11 -27.08 29.95
C GLU A 123 5.48 -28.50 29.61
N LYS A 124 5.17 -29.40 30.54
CA LYS A 124 5.28 -30.83 30.32
C LYS A 124 3.97 -31.45 30.81
N MET A 125 3.17 -32.00 29.89
CA MET A 125 1.90 -32.68 30.25
C MET A 125 2.16 -33.73 31.31
N GLU A 126 1.27 -33.77 32.31
CA GLU A 126 1.45 -34.62 33.51
C GLU A 126 0.78 -35.99 33.32
N PRO A 140 -23.10 -32.56 28.31
CA PRO A 140 -22.83 -33.77 27.51
C PRO A 140 -21.87 -33.49 26.38
N MET A 141 -22.02 -32.37 25.67
CA MET A 141 -21.02 -31.95 24.71
C MET A 141 -19.69 -31.63 25.40
N ASP A 142 -19.74 -31.11 26.62
CA ASP A 142 -18.50 -30.83 27.38
C ASP A 142 -17.77 -32.09 27.73
N LYS A 143 -18.50 -33.09 28.21
CA LYS A 143 -17.89 -34.38 28.48
C LYS A 143 -17.30 -35.00 27.19
N HIS A 144 -18.05 -34.95 26.09
CA HIS A 144 -17.58 -35.47 24.81
C HIS A 144 -16.33 -34.74 24.33
N MET A 145 -16.29 -33.41 24.44
CA MET A 145 -15.07 -32.64 24.14
C MET A 145 -13.90 -32.99 25.04
N GLU A 146 -14.11 -33.17 26.34
CA GLU A 146 -13.04 -33.61 27.21
C GLU A 146 -12.39 -34.92 26.77
N VAL A 147 -13.24 -35.88 26.41
CA VAL A 147 -12.73 -37.18 25.96
C VAL A 147 -12.02 -36.95 24.63
N MET A 148 -12.59 -36.15 23.73
CA MET A 148 -11.91 -35.87 22.49
C MET A 148 -10.52 -35.25 22.66
N ILE A 149 -10.48 -34.21 23.48
CA ILE A 149 -9.25 -33.51 23.80
C ILE A 149 -8.17 -34.47 24.33
N ASN A 150 -8.56 -35.37 25.24
CA ASN A 150 -7.67 -36.41 25.72
C ASN A 150 -7.20 -37.36 24.59
N ARG A 151 -8.11 -37.92 23.82
CA ARG A 151 -7.77 -38.95 22.84
C ARG A 151 -7.02 -38.43 21.61
N TYR A 152 -7.36 -37.24 21.18
CA TYR A 152 -6.71 -36.68 20.00
C TYR A 152 -5.52 -35.78 20.42
N GLY A 153 -5.23 -35.63 21.72
CA GLY A 153 -4.11 -34.80 22.19
C GLY A 153 -4.18 -33.31 21.86
N LEU A 154 -5.33 -32.70 22.11
CA LEU A 154 -5.53 -31.28 21.77
C LEU A 154 -5.13 -30.43 22.97
N ALA A 155 -4.64 -29.24 22.68
CA ALA A 155 -4.25 -28.30 23.71
C ALA A 155 -5.37 -27.29 23.91
N ALA A 156 -6.48 -27.75 24.48
CA ALA A 156 -7.66 -26.92 24.64
C ALA A 156 -8.40 -27.35 25.89
N VAL A 157 -9.19 -26.43 26.43
CA VAL A 157 -10.16 -26.78 27.48
C VAL A 157 -11.46 -27.18 26.78
N PRO A 158 -12.29 -27.98 27.46
CA PRO A 158 -13.50 -28.53 26.84
C PRO A 158 -14.44 -27.55 26.16
N ALA A 159 -14.56 -26.36 26.72
CA ALA A 159 -15.43 -25.34 26.13
C ALA A 159 -14.90 -24.76 24.82
N ALA A 160 -13.59 -24.81 24.60
CA ALA A 160 -12.95 -23.97 23.59
C ALA A 160 -13.29 -24.38 22.13
N PRO A 161 -13.31 -25.69 21.82
CA PRO A 161 -13.72 -26.00 20.46
C PRO A 161 -15.11 -25.48 20.12
N GLN A 162 -16.01 -25.55 21.08
CA GLN A 162 -17.41 -25.13 20.91
C GLN A 162 -17.48 -23.59 20.76
N MET A 163 -16.78 -22.86 21.63
CA MET A 163 -16.74 -21.41 21.56
C MET A 163 -16.13 -20.92 20.25
N PHE A 164 -15.03 -21.54 19.79
CA PHE A 164 -14.44 -21.13 18.52
C PHE A 164 -15.23 -21.60 17.33
N GLY A 165 -15.86 -22.76 17.45
CA GLY A 165 -16.79 -23.20 16.41
C GLY A 165 -17.99 -22.25 16.32
N ASN A 166 -18.53 -21.85 17.46
CA ASN A 166 -19.66 -20.85 17.49
C ASN A 166 -19.22 -19.53 16.81
N ALA A 167 -17.99 -19.09 17.11
CA ALA A 167 -17.50 -17.82 16.59
C ALA A 167 -17.32 -17.89 15.07
N GLY A 168 -16.78 -19.00 14.58
CA GLY A 168 -16.58 -19.21 13.18
C GLY A 168 -17.89 -19.27 12.41
N ARG A 169 -18.87 -19.95 12.97
CA ARG A 169 -20.22 -20.04 12.36
C ARG A 169 -20.89 -18.67 12.27
N GLU A 170 -20.80 -17.89 13.34
CA GLU A 170 -21.34 -16.55 13.37
C GLU A 170 -20.70 -15.73 12.25
N HIS A 171 -19.41 -15.89 12.03
CA HIS A 171 -18.71 -15.14 10.98
C HIS A 171 -19.22 -15.58 9.58
N MET A 172 -19.41 -16.87 9.39
CA MET A 172 -19.92 -17.35 8.10
C MET A 172 -21.33 -16.82 7.87
N GLU A 173 -22.15 -16.85 8.93
CA GLU A 173 -23.55 -16.47 8.78
C GLU A 173 -23.69 -14.98 8.52
N LYS A 174 -22.89 -14.17 9.21
CA LYS A 174 -22.93 -12.74 9.03
C LYS A 174 -22.21 -12.24 7.75
N TYR A 175 -21.13 -12.90 7.36
CA TYR A 175 -20.31 -12.32 6.27
C TYR A 175 -20.11 -13.16 5.05
N GLY A 176 -20.63 -14.38 5.02
CA GLY A 176 -20.45 -15.28 3.87
C GLY A 176 -19.13 -16.03 3.76
N THR A 177 -18.32 -16.03 4.82
CA THR A 177 -17.11 -16.82 4.89
C THR A 177 -17.48 -18.28 4.72
N LYS A 178 -16.65 -19.04 4.03
CA LYS A 178 -16.90 -20.45 3.75
C LYS A 178 -16.12 -21.34 4.71
N PRO A 179 -16.64 -22.54 4.99
CA PRO A 179 -15.86 -23.49 5.81
C PRO A 179 -14.44 -23.76 5.24
N GLU A 180 -14.30 -23.77 3.91
CA GLU A 180 -13.01 -23.88 3.24
C GLU A 180 -11.98 -22.81 3.62
N HIS A 181 -12.45 -21.61 3.96
CA HIS A 181 -11.55 -20.53 4.40
C HIS A 181 -10.81 -20.87 5.68
N PHE A 182 -11.53 -21.50 6.60
CA PHE A 182 -10.95 -21.91 7.87
C PHE A 182 -9.92 -23.02 7.61
N ALA A 183 -10.26 -23.97 6.72
CA ALA A 183 -9.34 -25.03 6.34
C ALA A 183 -8.09 -24.50 5.62
N LYS A 184 -8.25 -23.49 4.77
CA LYS A 184 -7.11 -22.84 4.12
C LYS A 184 -6.13 -22.17 5.09
N VAL A 185 -6.66 -21.61 6.16
CA VAL A 185 -5.84 -20.98 7.19
C VAL A 185 -4.96 -22.07 7.80
N ALA A 186 -5.58 -23.18 8.17
CA ALA A 186 -4.82 -24.28 8.75
C ALA A 186 -3.80 -24.89 7.77
N TRP A 187 -4.21 -25.02 6.51
CA TRP A 187 -3.37 -25.50 5.44
C TRP A 187 -2.10 -24.68 5.32
N LYS A 188 -2.27 -23.39 5.34
CA LYS A 188 -1.18 -22.43 5.17
C LYS A 188 -0.20 -22.58 6.36
N ASN A 189 -0.72 -22.71 7.57
CA ASN A 189 0.13 -22.94 8.74
C ASN A 189 0.97 -24.20 8.62
N HIS A 190 0.33 -25.33 8.31
CA HIS A 190 1.04 -26.58 8.09
C HIS A 190 2.13 -26.45 6.97
N LYS A 191 1.81 -25.71 5.92
CA LYS A 191 2.77 -25.49 4.87
C LYS A 191 4.02 -24.68 5.37
N HIS A 192 3.81 -23.62 6.12
CA HIS A 192 4.92 -22.86 6.75
C HIS A 192 5.77 -23.77 7.63
N SER A 193 5.14 -24.72 8.29
CA SER A 193 5.79 -25.58 9.26
C SER A 193 6.88 -26.45 8.68
N THR A 194 6.84 -26.68 7.37
CA THR A 194 7.87 -27.49 6.73
C THR A 194 9.26 -26.92 6.89
N ASN A 195 9.36 -25.61 7.09
CA ASN A 195 10.63 -24.98 7.28
C ASN A 195 10.94 -24.60 8.76
N ASN A 196 10.19 -25.14 9.73
CA ASN A 196 10.46 -24.85 11.17
C ASN A 196 10.88 -26.13 11.91
N PRO A 197 12.20 -26.32 12.11
CA PRO A 197 12.67 -27.51 12.85
C PRO A 197 12.26 -27.56 14.34
N TYR A 198 11.86 -26.43 14.89
CA TYR A 198 11.29 -26.41 16.26
C TYR A 198 9.83 -26.91 16.40
N SER A 199 9.14 -27.12 15.26
CA SER A 199 7.72 -27.44 15.26
C SER A 199 7.47 -28.97 15.38
N GLN A 200 6.53 -29.36 16.24
CA GLN A 200 6.17 -30.76 16.37
C GLN A 200 5.85 -31.35 15.00
N PHE A 201 5.02 -30.65 14.24
CA PHE A 201 4.64 -31.11 12.89
C PHE A 201 5.31 -30.23 11.88
N GLN A 202 5.89 -30.86 10.84
CA GLN A 202 6.63 -30.15 9.80
C GLN A 202 6.20 -30.64 8.41
N ASP A 203 4.98 -31.15 8.29
CA ASP A 203 4.47 -31.77 7.06
C ASP A 203 3.42 -30.92 6.39
N GLU A 204 3.50 -30.87 5.07
CA GLU A 204 2.51 -30.20 4.27
C GLU A 204 1.40 -31.17 3.98
N TYR A 205 0.20 -30.84 4.44
CA TYR A 205 -0.99 -31.60 4.11
C TYR A 205 -1.63 -30.92 2.92
N SER A 206 -2.40 -31.67 2.12
CA SER A 206 -3.21 -31.03 1.11
C SER A 206 -4.39 -30.35 1.79
N LEU A 207 -5.01 -29.40 1.10
CA LEU A 207 -6.23 -28.75 1.58
C LEU A 207 -7.31 -29.79 1.84
N GLU A 208 -7.47 -30.71 0.89
CA GLU A 208 -8.38 -31.84 1.04
C GLU A 208 -8.14 -32.66 2.34
N GLN A 209 -6.87 -32.99 2.61
CA GLN A 209 -6.51 -33.68 3.85
C GLN A 209 -6.91 -32.88 5.12
N VAL A 210 -6.79 -31.56 5.09
CA VAL A 210 -7.22 -30.73 6.23
C VAL A 210 -8.74 -30.86 6.39
N ILE A 211 -9.45 -30.73 5.28
CA ILE A 211 -10.91 -30.86 5.27
C ILE A 211 -11.38 -32.24 5.74
N ASP A 212 -10.68 -33.31 5.32
CA ASP A 212 -11.08 -34.68 5.63
C ASP A 212 -10.56 -35.22 6.96
N SER A 213 -9.70 -34.46 7.69
CA SER A 213 -9.23 -34.93 8.99
C SER A 213 -10.39 -35.05 9.97
N ARG A 214 -10.20 -35.76 11.08
CA ARG A 214 -11.30 -36.09 12.00
C ARG A 214 -12.01 -34.84 12.51
N LYS A 215 -13.33 -34.87 12.46
CA LYS A 215 -14.18 -33.82 12.96
C LYS A 215 -13.93 -33.61 14.44
N VAL A 216 -13.72 -32.36 14.84
CA VAL A 216 -13.59 -32.03 16.24
C VAL A 216 -14.91 -31.43 16.74
N PHE A 217 -15.33 -30.37 16.10
CA PHE A 217 -16.59 -29.72 16.43
C PHE A 217 -16.97 -28.96 15.21
N GLU A 218 -18.11 -29.29 14.65
CA GLU A 218 -18.68 -28.50 13.56
C GLU A 218 -17.67 -28.55 12.39
N PHE A 219 -17.46 -27.45 11.67
CA PHE A 219 -16.46 -27.35 10.61
C PHE A 219 -15.00 -27.61 11.05
N LEU A 220 -14.70 -27.49 12.34
CA LEU A 220 -13.33 -27.67 12.82
C LEU A 220 -12.95 -29.13 12.82
N THR A 221 -11.89 -29.45 12.08
CA THR A 221 -11.31 -30.75 12.02
C THR A 221 -9.97 -30.72 12.75
N LEU A 222 -9.44 -31.90 12.99
CA LEU A 222 -8.23 -32.07 13.81
C LEU A 222 -7.03 -31.23 13.32
N LEU A 223 -6.83 -31.17 12.01
CA LEU A 223 -5.70 -30.41 11.47
C LEU A 223 -5.91 -28.89 11.51
N GLN A 224 -7.06 -28.47 12.03
CA GLN A 224 -7.34 -27.07 12.28
C GLN A 224 -7.28 -26.70 13.77
N CYS A 225 -6.89 -27.63 14.64
CA CYS A 225 -6.84 -27.44 16.10
C CYS A 225 -5.42 -27.67 16.61
N CYS A 226 -4.96 -26.89 17.57
CA CYS A 226 -3.61 -27.05 18.01
C CYS A 226 -3.47 -28.31 18.88
N PRO A 227 -2.42 -29.13 18.61
CA PRO A 227 -2.13 -30.26 19.49
C PRO A 227 -1.34 -29.79 20.72
N THR A 228 -1.30 -30.58 21.77
CA THR A 228 -0.32 -30.37 22.85
C THR A 228 1.07 -30.68 22.37
N SER A 229 2.02 -29.82 22.76
CA SER A 229 3.43 -30.11 22.69
C SER A 229 3.98 -29.91 24.09
N ASP A 230 5.10 -30.58 24.39
CA ASP A 230 5.90 -30.29 25.57
C ASP A 230 7.08 -29.49 25.12
N GLY A 231 7.47 -28.50 25.90
CA GLY A 231 8.67 -27.74 25.55
C GLY A 231 8.88 -26.50 26.42
N ALA A 232 9.90 -25.73 26.08
CA ALA A 232 10.19 -24.51 26.80
C ALA A 232 10.68 -23.43 25.89
N GLY A 233 10.48 -22.19 26.31
CA GLY A 233 10.93 -21.01 25.62
C GLY A 233 11.53 -20.01 26.61
N ALA A 234 12.37 -19.12 26.10
CA ALA A 234 13.01 -18.16 26.97
C ALA A 234 13.45 -16.91 26.24
N ALA A 235 13.44 -15.77 26.96
CA ALA A 235 13.95 -14.52 26.40
C ALA A 235 14.63 -13.74 27.46
N VAL A 236 15.74 -13.10 27.08
CA VAL A 236 16.44 -12.17 27.96
C VAL A 236 16.04 -10.77 27.58
N LEU A 237 15.55 -10.02 28.55
CA LEU A 237 15.08 -8.67 28.36
C LEU A 237 16.02 -7.71 29.10
N ALA A 238 16.19 -6.53 28.52
CA ALA A 238 17.14 -5.55 29.06
C ALA A 238 16.76 -4.12 28.76
N SER A 239 17.20 -3.24 29.68
CA SER A 239 17.04 -1.80 29.51
C SER A 239 17.98 -1.27 28.41
N GLU A 240 17.74 -0.03 28.00
CA GLU A 240 18.62 0.70 27.08
C GLU A 240 20.05 0.84 27.62
N SER A 241 20.15 1.25 28.89
CA SER A 241 21.48 1.45 29.49
C SER A 241 22.25 0.14 29.58
N PHE A 242 21.55 -0.96 29.92
CA PHE A 242 22.19 -2.28 29.88
C PHE A 242 22.72 -2.63 28.50
N VAL A 243 21.94 -2.36 27.46
CA VAL A 243 22.35 -2.69 26.11
C VAL A 243 23.58 -1.87 25.72
N ARG A 244 23.56 -0.58 26.03
CA ARG A 244 24.68 0.30 25.68
C ARG A 244 25.97 -0.02 26.45
N ARG A 245 25.86 -0.17 27.76
CA ARG A 245 27.00 -0.51 28.59
C ARG A 245 27.65 -1.83 28.17
N ASN A 246 26.87 -2.78 27.65
CA ASN A 246 27.42 -4.10 27.29
C ASN A 246 27.64 -4.24 25.78
N GLY A 247 27.42 -3.17 25.03
CA GLY A 247 27.62 -3.20 23.58
C GLY A 247 26.78 -4.23 22.88
N LEU A 248 25.50 -4.36 23.25
CA LEU A 248 24.66 -5.41 22.67
C LEU A 248 23.64 -4.87 21.67
N GLU A 249 23.98 -3.80 20.93
CA GLU A 249 23.00 -3.13 20.05
C GLU A 249 22.55 -4.02 18.87
N LYS A 250 23.46 -4.86 18.38
CA LYS A 250 23.29 -5.68 17.19
C LYS A 250 22.06 -6.62 17.21
N LYS A 251 21.93 -7.44 18.25
CA LYS A 251 20.77 -8.34 18.41
C LYS A 251 19.58 -7.77 19.22
N ALA A 252 19.64 -6.49 19.62
CA ALA A 252 18.59 -5.93 20.48
C ALA A 252 17.30 -5.67 19.69
N VAL A 253 16.25 -6.42 20.02
CA VAL A 253 14.97 -6.22 19.37
C VAL A 253 14.11 -5.45 20.32
N GLU A 254 13.73 -4.25 19.92
CA GLU A 254 12.95 -3.38 20.77
C GLU A 254 11.49 -3.74 20.78
N ILE A 255 10.90 -3.74 21.97
CA ILE A 255 9.46 -3.79 22.14
C ILE A 255 8.97 -2.36 22.04
N VAL A 256 8.50 -1.98 20.86
CA VAL A 256 8.03 -0.61 20.65
C VAL A 256 6.61 -0.36 21.21
N ALA A 257 5.87 -1.42 21.56
CA ALA A 257 4.57 -1.31 22.18
C ALA A 257 4.11 -2.68 22.66
N GLN A 258 3.31 -2.69 23.72
CA GLN A 258 2.76 -3.93 24.24
C GLN A 258 1.56 -3.58 25.05
N GLU A 259 0.45 -4.26 24.79
CA GLU A 259 -0.81 -3.97 25.47
C GLU A 259 -1.49 -5.24 25.81
N MET A 260 -2.04 -5.29 27.01
CA MET A 260 -2.84 -6.42 27.46
C MET A 260 -4.27 -5.91 27.66
N VAL A 261 -5.27 -6.66 27.20
CA VAL A 261 -6.66 -6.30 27.46
C VAL A 261 -7.33 -7.51 28.05
N THR A 262 -7.88 -7.32 29.24
CA THR A 262 -8.64 -8.33 29.93
C THR A 262 -10.11 -8.18 29.49
N ASP A 263 -10.95 -9.06 29.97
CA ASP A 263 -12.35 -9.09 29.58
C ASP A 263 -13.08 -7.72 29.56
N LEU A 264 -13.70 -7.40 28.42
CA LEU A 264 -14.51 -6.19 28.25
C LEU A 264 -15.95 -6.53 28.59
N SER A 265 -16.50 -5.84 29.56
CA SER A 265 -17.82 -6.17 30.07
C SER A 265 -18.85 -5.46 29.20
N THR A 266 -19.76 -6.23 28.57
CA THR A 266 -20.73 -5.74 27.57
C THR A 266 -22.17 -6.11 27.90
N THR A 267 -23.14 -5.57 27.18
CA THR A 267 -24.56 -5.87 27.46
C THR A 267 -25.02 -7.07 26.70
N PHE A 268 -26.17 -7.59 27.10
CA PHE A 268 -26.83 -8.64 26.36
C PHE A 268 -26.97 -8.30 24.87
N GLU A 269 -27.45 -7.10 24.58
CA GLU A 269 -27.79 -6.72 23.22
C GLU A 269 -26.54 -6.62 22.32
N GLU A 270 -25.39 -6.30 22.90
CA GLU A 270 -24.17 -6.16 22.13
C GLU A 270 -23.29 -7.43 22.13
N ASN A 271 -23.60 -8.42 22.95
CA ASN A 271 -22.73 -9.63 23.04
C ASN A 271 -22.80 -10.46 21.76
N SER A 272 -21.76 -11.24 21.48
CA SER A 272 -21.70 -12.06 20.27
C SER A 272 -20.75 -13.19 20.52
N CYS A 273 -20.83 -14.26 19.72
CA CYS A 273 -19.84 -15.39 19.82
C CYS A 273 -18.39 -14.96 19.60
N MET A 274 -18.21 -14.06 18.64
CA MET A 274 -16.91 -13.48 18.35
C MET A 274 -16.36 -12.70 19.55
N LYS A 275 -17.20 -11.91 20.20
CA LYS A 275 -16.78 -11.17 21.37
C LYS A 275 -16.47 -12.11 22.54
N MET A 276 -17.24 -13.17 22.66
CA MET A 276 -17.02 -14.17 23.73
C MET A 276 -15.70 -14.90 23.60
N VAL A 277 -15.08 -14.94 22.41
CA VAL A 277 -13.72 -15.48 22.28
C VAL A 277 -12.60 -14.41 22.17
N GLY A 278 -12.92 -13.18 22.57
CA GLY A 278 -11.94 -12.10 22.77
C GLY A 278 -11.63 -11.21 21.58
N TYR A 279 -12.49 -11.25 20.55
CA TYR A 279 -12.28 -10.42 19.36
C TYR A 279 -12.01 -8.93 19.71
N ASP A 280 -12.83 -8.35 20.57
CA ASP A 280 -12.66 -6.92 20.88
C ASP A 280 -11.46 -6.64 21.78
N MET A 281 -11.06 -7.63 22.59
CA MET A 281 -9.85 -7.53 23.40
C MET A 281 -8.62 -7.47 22.50
N THR A 282 -8.56 -8.32 21.47
CA THR A 282 -7.53 -8.25 20.47
C THR A 282 -7.58 -6.90 19.73
N ARG A 283 -8.76 -6.49 19.30
CA ARG A 283 -8.94 -5.27 18.54
C ARG A 283 -8.42 -4.04 19.32
N LEU A 284 -8.84 -3.90 20.58
CA LEU A 284 -8.38 -2.78 21.42
C LEU A 284 -6.90 -2.84 21.72
N ALA A 285 -6.39 -4.03 22.02
CA ALA A 285 -4.96 -4.20 22.30
C ALA A 285 -4.08 -3.77 21.13
N ALA A 286 -4.49 -4.14 19.93
CA ALA A 286 -3.76 -3.80 18.73
C ALA A 286 -3.85 -2.31 18.40
N GLU A 287 -5.06 -1.75 18.50
CA GLU A 287 -5.27 -0.29 18.28
C GLU A 287 -4.38 0.56 19.20
N ARG A 288 -4.29 0.17 20.46
CA ARG A 288 -3.45 0.90 21.40
C ARG A 288 -1.97 0.76 21.08
N CYS A 289 -1.53 -0.43 20.63
CA CYS A 289 -0.17 -0.64 20.12
C CYS A 289 0.18 0.23 18.92
N TYR A 290 -0.68 0.19 17.90
CA TYR A 290 -0.51 0.97 16.67
C TYR A 290 -0.35 2.48 16.94
N ASP A 291 -1.19 2.98 17.82
CA ASP A 291 -1.17 4.37 18.21
C ASP A 291 0.14 4.72 18.97
N THR A 292 0.53 3.88 19.93
CA THR A 292 1.76 4.06 20.68
C THR A 292 2.97 4.04 19.79
N ALA A 293 3.09 3.06 18.89
CA ALA A 293 4.28 2.99 18.03
C ALA A 293 4.19 3.91 16.79
N GLY A 294 3.06 4.57 16.60
CA GLY A 294 2.83 5.43 15.43
C GLY A 294 2.84 4.69 14.11
N VAL A 295 2.23 3.52 14.08
CA VAL A 295 2.23 2.71 12.87
C VAL A 295 0.82 2.25 12.58
N LYS A 296 0.64 1.58 11.45
CA LYS A 296 -0.65 0.99 11.16
C LYS A 296 -0.48 -0.46 10.70
N PRO A 297 -1.61 -1.21 10.58
CA PRO A 297 -1.52 -2.62 10.19
C PRO A 297 -0.70 -2.89 8.96
N SER A 298 -0.81 -2.01 7.96
CA SER A 298 -0.08 -2.18 6.71
C SER A 298 1.43 -2.02 6.85
N ASP A 299 1.93 -1.42 7.94
CA ASP A 299 3.40 -1.39 8.19
C ASP A 299 3.92 -2.73 8.74
N VAL A 300 3.04 -3.57 9.31
CA VAL A 300 3.46 -4.85 9.90
C VAL A 300 3.88 -5.75 8.75
N ASP A 301 5.06 -6.37 8.85
CA ASP A 301 5.56 -7.29 7.83
C ASP A 301 5.33 -8.76 8.17
N VAL A 302 5.36 -9.11 9.46
CA VAL A 302 5.40 -10.52 9.86
C VAL A 302 4.64 -10.61 11.17
N ILE A 303 3.87 -11.69 11.30
CA ILE A 303 2.97 -11.87 12.43
C ILE A 303 3.14 -13.28 13.00
N GLU A 304 3.15 -13.39 14.32
CA GLU A 304 2.96 -14.66 15.01
C GLU A 304 1.75 -14.48 15.92
N LEU A 305 0.71 -15.27 15.69
CA LEU A 305 -0.54 -15.06 16.41
C LEU A 305 -0.99 -16.36 17.03
N HIS A 306 -2.03 -16.29 17.85
CA HIS A 306 -2.46 -17.39 18.68
C HIS A 306 -3.55 -18.16 17.96
N ASP A 307 -3.12 -19.06 17.08
CA ASP A 307 -4.02 -19.86 16.24
C ASP A 307 -4.34 -21.20 16.94
N CYS A 308 -4.98 -21.12 18.09
CA CYS A 308 -5.36 -22.30 18.85
C CYS A 308 -6.34 -23.17 18.00
N PHE A 309 -7.20 -22.47 17.26
CA PHE A 309 -8.03 -23.00 16.20
C PHE A 309 -7.89 -22.08 15.00
N SER A 310 -8.05 -22.65 13.80
CA SER A 310 -8.06 -21.86 12.58
C SER A 310 -9.08 -20.72 12.68
N ALA A 311 -10.20 -20.97 13.36
CA ALA A 311 -11.22 -19.93 13.51
C ALA A 311 -10.69 -18.71 14.25
N ASN A 312 -9.84 -18.90 15.27
CA ASN A 312 -9.26 -17.72 15.89
C ASN A 312 -8.34 -16.93 14.98
N GLU A 313 -7.54 -17.62 14.19
CA GLU A 313 -6.63 -16.92 13.28
C GLU A 313 -7.45 -16.07 12.30
N LEU A 314 -8.47 -16.69 11.73
CA LEU A 314 -9.26 -16.04 10.68
C LEU A 314 -9.93 -14.75 11.18
N ILE A 315 -10.59 -14.79 12.34
CA ILE A 315 -11.22 -13.58 12.87
C ILE A 315 -10.22 -12.56 13.38
N THR A 316 -9.09 -13.06 13.86
CA THR A 316 -7.99 -12.21 14.30
C THR A 316 -7.41 -11.34 13.15
N TYR A 317 -7.48 -11.80 11.91
CA TYR A 317 -7.11 -10.94 10.77
C TYR A 317 -7.92 -9.61 10.80
N GLU A 318 -9.21 -9.71 11.06
CA GLU A 318 -10.07 -8.53 11.16
C GLU A 318 -9.86 -7.76 12.48
N ALA A 319 -9.70 -8.48 13.59
CA ALA A 319 -9.46 -7.83 14.87
C ALA A 319 -8.20 -6.96 14.85
N LEU A 320 -7.16 -7.48 14.18
CA LEU A 320 -5.88 -6.76 14.02
C LEU A 320 -5.94 -5.63 13.00
N GLY A 321 -7.04 -5.55 12.25
CA GLY A 321 -7.26 -4.50 11.26
C GLY A 321 -6.51 -4.69 9.97
N LEU A 322 -6.08 -5.91 9.69
CA LEU A 322 -5.41 -6.20 8.42
C LEU A 322 -6.36 -6.03 7.26
N CYS A 323 -7.63 -6.37 7.46
CA CYS A 323 -8.63 -6.18 6.45
C CYS A 323 -9.87 -5.69 7.12
N PRO A 324 -10.81 -5.13 6.35
CA PRO A 324 -12.05 -4.70 6.98
C PRO A 324 -12.91 -5.88 7.44
N GLU A 325 -13.91 -5.53 8.24
CA GLU A 325 -14.86 -6.47 8.82
C GLU A 325 -15.46 -7.38 7.74
N GLY A 326 -15.50 -8.68 8.02
CA GLY A 326 -15.98 -9.67 7.08
C GLY A 326 -15.17 -10.01 5.85
N LYS A 327 -13.97 -9.43 5.68
CA LYS A 327 -13.15 -9.63 4.46
C LYS A 327 -11.96 -10.58 4.59
N ALA A 328 -11.89 -11.32 5.70
CA ALA A 328 -10.79 -12.29 5.88
C ALA A 328 -10.74 -13.31 4.75
N GLY A 329 -11.93 -13.77 4.33
CA GLY A 329 -12.08 -14.68 3.22
C GLY A 329 -11.35 -14.25 1.96
N GLU A 330 -11.47 -12.96 1.61
CA GLU A 330 -10.73 -12.41 0.49
C GLU A 330 -9.22 -12.39 0.75
N LEU A 331 -8.83 -11.86 1.91
CA LEU A 331 -7.40 -11.87 2.30
C LEU A 331 -6.80 -13.27 2.11
N ILE A 332 -7.51 -14.28 2.62
CA ILE A 332 -7.11 -15.69 2.52
C ILE A 332 -7.02 -16.11 1.05
N ASP A 333 -8.05 -15.80 0.25
CA ASP A 333 -8.04 -16.25 -1.15
C ASP A 333 -6.93 -15.61 -1.97
N ARG A 334 -6.52 -14.39 -1.62
CA ARG A 334 -5.41 -13.75 -2.28
C ARG A 334 -4.04 -14.24 -1.80
N GLY A 335 -3.99 -15.12 -0.81
CA GLY A 335 -2.72 -15.49 -0.18
C GLY A 335 -2.02 -14.31 0.48
N ASP A 336 -2.79 -13.38 1.02
CA ASP A 336 -2.18 -12.24 1.72
C ASP A 336 -1.74 -12.53 3.19
N ASN A 337 -1.75 -13.81 3.58
CA ASN A 337 -1.31 -14.27 4.89
C ASN A 337 -0.04 -15.12 4.76
N THR A 338 0.60 -15.11 3.59
CA THR A 338 1.76 -15.97 3.37
C THR A 338 2.79 -15.33 2.45
N TYR A 339 3.90 -16.01 2.23
CA TYR A 339 5.02 -15.47 1.43
C TYR A 339 4.51 -15.03 0.03
N GLY A 340 4.97 -13.88 -0.41
CA GLY A 340 4.46 -13.26 -1.63
C GLY A 340 3.22 -12.40 -1.47
N GLY A 341 2.52 -12.50 -0.33
CA GLY A 341 1.40 -11.61 -0.01
C GLY A 341 1.76 -10.44 0.89
N LYS A 342 0.74 -9.68 1.32
CA LYS A 342 0.97 -8.52 2.19
C LYS A 342 1.61 -8.88 3.53
N TRP A 343 1.06 -9.89 4.21
CA TRP A 343 1.57 -10.30 5.54
C TRP A 343 1.99 -11.77 5.58
N VAL A 344 3.17 -12.03 6.12
CA VAL A 344 3.55 -13.39 6.34
C VAL A 344 3.12 -13.74 7.77
N ILE A 345 2.10 -14.59 7.90
CA ILE A 345 1.47 -14.88 9.18
C ILE A 345 1.84 -16.29 9.64
N ASN A 346 2.43 -16.37 10.83
CA ASN A 346 2.89 -17.61 11.41
C ASN A 346 3.90 -18.34 10.54
N PRO A 347 5.05 -17.71 10.26
CA PRO A 347 6.13 -18.39 9.58
C PRO A 347 6.62 -19.62 10.32
N SER A 348 6.45 -19.63 11.66
CA SER A 348 6.73 -20.79 12.51
C SER A 348 5.90 -22.04 12.20
N GLY A 349 4.75 -21.87 11.53
CA GLY A 349 3.74 -22.91 11.40
C GLY A 349 2.55 -22.77 12.31
N GLY A 350 2.62 -21.79 13.23
CA GLY A 350 1.57 -21.49 14.20
C GLY A 350 1.43 -22.57 15.28
N LEU A 351 0.57 -22.33 16.23
CA LEU A 351 0.24 -23.33 17.22
C LEU A 351 -0.29 -24.63 16.59
N ILE A 352 -0.98 -24.50 15.46
CA ILE A 352 -1.56 -25.63 14.73
C ILE A 352 -0.49 -26.68 14.37
N SER A 353 0.73 -26.22 14.03
CA SER A 353 1.83 -27.10 13.66
C SER A 353 2.82 -27.36 14.80
N LYS A 354 3.11 -26.31 15.56
CA LYS A 354 4.11 -26.36 16.60
C LYS A 354 3.59 -27.22 17.73
N GLY A 355 2.29 -27.16 17.94
CA GLY A 355 1.71 -27.56 19.18
C GLY A 355 1.86 -26.44 20.21
N HIS A 356 1.16 -26.60 21.32
CA HIS A 356 0.94 -25.52 22.30
C HIS A 356 1.27 -26.02 23.72
N PRO A 357 2.55 -25.90 24.12
CA PRO A 357 2.88 -26.07 25.54
C PRO A 357 2.48 -24.79 26.26
N LEU A 358 1.47 -24.85 27.11
CA LEU A 358 0.79 -23.63 27.59
C LEU A 358 1.73 -22.53 28.09
N GLY A 359 2.67 -22.86 28.94
CA GLY A 359 3.60 -21.84 29.45
C GLY A 359 4.58 -21.27 28.44
N ALA A 360 4.92 -22.05 27.40
CA ALA A 360 6.04 -21.74 26.51
C ALA A 360 5.68 -21.06 25.19
N THR A 361 4.40 -21.13 24.79
CA THR A 361 3.99 -20.68 23.46
C THR A 361 4.37 -19.23 23.15
N GLY A 362 4.10 -18.34 24.09
CA GLY A 362 4.36 -16.93 23.88
C GLY A 362 5.83 -16.64 23.59
N LEU A 363 6.70 -17.30 24.36
CA LEU A 363 8.13 -17.09 24.20
C LEU A 363 8.67 -17.67 22.89
N ALA A 364 8.03 -18.72 22.39
CA ALA A 364 8.40 -19.24 21.09
C ALA A 364 7.99 -18.33 19.95
N GLN A 365 6.86 -17.63 20.09
CA GLN A 365 6.42 -16.63 19.09
C GLN A 365 7.44 -15.49 19.06
N CYS A 366 7.84 -15.06 20.25
CA CYS A 366 8.84 -14.00 20.42
C CYS A 366 10.17 -14.40 19.80
N ALA A 367 10.59 -15.65 20.02
CA ALA A 367 11.83 -16.15 19.42
C ALA A 367 11.78 -16.01 17.89
N GLU A 368 10.70 -16.49 17.27
CA GLU A 368 10.57 -16.44 15.82
C GLU A 368 10.58 -15.02 15.29
N LEU A 369 9.81 -14.13 15.90
CA LEU A 369 9.78 -12.75 15.49
C LEU A 369 11.14 -12.03 15.63
N CYS A 370 11.86 -12.28 16.72
CA CYS A 370 13.22 -11.77 16.90
C CYS A 370 14.17 -12.30 15.82
N TRP A 371 14.10 -13.60 15.51
CA TRP A 371 14.91 -14.15 14.44
C TRP A 371 14.58 -13.53 13.08
N GLN A 372 13.29 -13.30 12.84
CA GLN A 372 12.82 -12.68 11.61
C GLN A 372 13.38 -11.29 11.41
N LEU A 373 13.31 -10.49 12.47
CA LEU A 373 13.79 -9.11 12.44
C LEU A 373 15.31 -9.01 12.40
N ARG A 374 15.98 -9.96 13.03
CA ARG A 374 17.44 -10.10 12.95
C ARG A 374 17.95 -10.74 11.65
N ALA A 375 17.04 -11.11 10.74
CA ALA A 375 17.37 -11.76 9.48
C ALA A 375 18.05 -13.07 9.69
N GLU A 376 17.72 -13.75 10.79
CA GLU A 376 18.28 -15.07 11.09
C GLU A 376 17.26 -16.20 10.99
N ALA A 377 16.15 -15.97 10.27
CA ALA A 377 15.11 -17.00 10.19
C ALA A 377 15.31 -18.04 9.08
N GLY A 378 16.45 -17.98 8.37
CA GLY A 378 16.90 -19.04 7.47
C GLY A 378 15.85 -19.32 6.41
N PRO A 379 15.41 -20.58 6.28
CA PRO A 379 14.42 -20.92 5.25
C PRO A 379 13.01 -20.31 5.44
N ARG A 380 12.72 -19.73 6.60
CA ARG A 380 11.43 -19.05 6.84
C ARG A 380 11.51 -17.53 6.67
N GLN A 381 12.70 -17.00 6.35
CA GLN A 381 12.93 -15.54 6.38
C GLN A 381 11.94 -14.76 5.56
N VAL A 382 11.35 -13.73 6.16
CA VAL A 382 10.50 -12.79 5.48
C VAL A 382 11.49 -11.70 5.03
N PRO A 383 11.76 -11.58 3.71
CA PRO A 383 12.79 -10.63 3.24
C PRO A 383 12.43 -9.20 3.59
N GLY A 384 13.34 -8.46 4.22
CA GLY A 384 13.10 -7.05 4.56
C GLY A 384 12.18 -6.76 5.72
N ALA A 385 11.85 -7.77 6.52
CA ALA A 385 10.97 -7.59 7.66
C ALA A 385 11.59 -6.61 8.65
N LYS A 386 10.84 -5.56 8.98
CA LYS A 386 11.25 -4.57 9.96
C LYS A 386 10.28 -4.36 11.11
N LEU A 387 8.97 -4.60 10.91
CA LEU A 387 7.96 -4.46 11.98
C LEU A 387 7.22 -5.80 12.16
N ALA A 388 7.28 -6.33 13.39
CA ALA A 388 6.71 -7.63 13.71
C ALA A 388 5.63 -7.45 14.74
N LEU A 389 4.56 -8.26 14.63
CA LEU A 389 3.45 -8.22 15.55
C LEU A 389 3.23 -9.60 16.14
N GLN A 390 3.14 -9.63 17.48
CA GLN A 390 2.73 -10.81 18.24
C GLN A 390 1.34 -10.64 18.86
N HIS A 391 0.57 -11.73 18.79
CA HIS A 391 -0.71 -11.84 19.40
C HIS A 391 -0.71 -13.11 20.20
N ASN A 392 -0.96 -12.99 21.50
CA ASN A 392 -0.87 -14.13 22.44
C ASN A 392 -1.96 -13.99 23.50
N ILE A 393 -2.35 -15.12 24.07
CA ILE A 393 -3.36 -15.17 25.12
C ILE A 393 -2.74 -15.69 26.40
N GLY A 394 -2.90 -14.98 27.51
CA GLY A 394 -2.43 -15.47 28.86
C GLY A 394 -3.36 -16.51 29.47
N LEU A 395 -2.96 -17.18 30.57
CA LEU A 395 -3.82 -18.20 31.21
C LEU A 395 -5.20 -17.63 31.59
N GLY A 396 -5.23 -16.40 32.09
CA GLY A 396 -6.52 -15.70 32.29
C GLY A 396 -7.54 -15.59 31.14
N GLY A 397 -7.10 -15.76 29.90
CA GLY A 397 -7.85 -15.35 28.72
C GLY A 397 -7.45 -13.95 28.26
N ALA A 398 -6.60 -13.23 29.00
CA ALA A 398 -6.19 -11.90 28.58
C ALA A 398 -5.39 -11.95 27.27
N VAL A 399 -5.61 -10.98 26.40
CA VAL A 399 -4.93 -10.89 25.14
C VAL A 399 -3.77 -9.92 25.28
N VAL A 400 -2.59 -10.33 24.81
CA VAL A 400 -1.42 -9.46 24.71
C VAL A 400 -0.98 -9.32 23.25
N VAL A 401 -0.90 -8.07 22.78
CA VAL A 401 -0.42 -7.73 21.47
C VAL A 401 0.86 -6.94 21.69
N THR A 402 1.91 -7.32 20.93
CA THR A 402 3.24 -6.79 21.09
C THR A 402 3.74 -6.40 19.69
N LEU A 403 4.37 -5.22 19.58
CA LEU A 403 5.03 -4.81 18.37
C LEU A 403 6.54 -4.76 18.57
N TYR A 404 7.29 -5.28 17.60
CA TYR A 404 8.74 -5.29 17.69
C TYR A 404 9.36 -4.58 16.49
N LYS A 405 10.50 -3.95 16.72
CA LYS A 405 11.42 -3.45 15.66
C LYS A 405 12.85 -3.53 16.21
N MET A 406 13.83 -3.62 15.32
CA MET A 406 15.23 -3.62 15.73
C MET A 406 15.46 -2.32 16.50
N GLY A 407 16.16 -2.42 17.63
CA GLY A 407 16.37 -1.28 18.51
C GLY A 407 17.34 -0.23 17.95
N PHE A 408 18.35 -0.67 17.19
CA PHE A 408 19.46 0.21 16.69
C PHE A 408 19.80 -0.23 15.27
N PRO A 409 19.01 0.21 14.27
CA PRO A 409 19.08 -0.48 12.94
C PRO A 409 20.38 -0.35 12.12
N ASN B 14 11.61 13.88 0.15
CA ASN B 14 11.34 15.35 0.12
C ASN B 14 10.00 15.63 -0.59
N ARG B 15 9.25 16.60 -0.07
CA ARG B 15 7.98 17.02 -0.68
C ARG B 15 8.27 17.93 -1.88
N VAL B 16 7.37 17.96 -2.85
CA VAL B 16 7.58 18.73 -4.06
C VAL B 16 6.39 19.65 -4.31
N PHE B 17 6.66 20.91 -4.65
CA PHE B 17 5.62 21.92 -4.89
C PHE B 17 5.83 22.62 -6.22
N VAL B 18 4.73 22.78 -6.95
CA VAL B 18 4.70 23.71 -8.08
C VAL B 18 4.37 25.11 -7.52
N ILE B 19 5.33 26.02 -7.64
CA ILE B 19 5.20 27.37 -7.07
C ILE B 19 4.90 28.42 -8.09
N GLY B 20 5.05 28.12 -9.38
CA GLY B 20 4.60 29.06 -10.43
C GLY B 20 4.27 28.33 -11.71
N VAL B 21 3.28 28.83 -12.44
CA VAL B 21 2.88 28.27 -13.72
C VAL B 21 2.67 29.35 -14.73
N GLY B 22 2.75 28.98 -16.00
CA GLY B 22 2.51 29.93 -17.06
C GLY B 22 2.38 29.26 -18.37
N MET B 23 1.59 29.86 -19.26
CA MET B 23 1.46 29.32 -20.61
C MET B 23 1.08 30.40 -21.58
N THR B 24 1.34 30.12 -22.85
CA THR B 24 0.89 30.99 -23.90
C THR B 24 -0.54 30.57 -24.22
N LYS B 25 -1.24 31.43 -24.94
CA LYS B 25 -2.45 30.97 -25.60
C LYS B 25 -2.03 29.86 -26.57
N PHE B 26 -2.90 28.86 -26.70
CA PHE B 26 -2.71 27.83 -27.71
C PHE B 26 -3.50 28.27 -28.94
N GLU B 27 -2.79 28.51 -30.04
CA GLU B 27 -3.39 29.04 -31.28
C GLU B 27 -3.17 28.14 -32.48
N LYS B 28 -3.97 28.34 -33.52
CA LYS B 28 -3.78 27.61 -34.77
C LYS B 28 -2.36 27.88 -35.28
N PRO B 29 -1.68 26.87 -35.84
CA PRO B 29 -0.35 27.17 -36.36
C PRO B 29 -0.41 28.27 -37.43
N GLY B 30 0.54 29.23 -37.40
CA GLY B 30 0.50 30.39 -38.31
C GLY B 30 -0.35 31.59 -37.90
N ALA B 31 -1.27 31.45 -36.96
CA ALA B 31 -2.08 32.57 -36.46
C ALA B 31 -1.26 33.61 -35.70
N ARG B 32 -0.22 33.19 -35.00
CA ARG B 32 0.65 34.12 -34.33
C ARG B 32 2.04 34.03 -34.96
N ASP B 33 2.54 35.18 -35.33
CA ASP B 33 3.80 35.29 -36.05
C ASP B 33 4.96 35.22 -35.02
N ILE B 34 5.16 34.07 -34.36
CA ILE B 34 6.39 33.88 -33.56
C ILE B 34 6.93 32.46 -33.67
N ASP B 35 8.19 32.34 -33.29
CA ASP B 35 8.87 31.07 -33.35
C ASP B 35 8.99 30.54 -31.89
N TYR B 36 9.47 29.31 -31.76
CA TYR B 36 9.50 28.61 -30.50
C TYR B 36 10.31 29.34 -29.39
N PRO B 37 11.46 29.99 -29.72
CA PRO B 37 12.12 30.73 -28.62
C PRO B 37 11.25 31.80 -27.95
N ASP B 38 10.46 32.53 -28.74
CA ASP B 38 9.55 33.53 -28.15
C ASP B 38 8.33 32.95 -27.46
N MET B 39 7.85 31.81 -27.95
CA MET B 39 6.78 31.11 -27.27
C MET B 39 7.27 30.68 -25.90
N ALA B 40 8.46 30.08 -25.86
CA ALA B 40 9.06 29.61 -24.59
C ALA B 40 9.28 30.77 -23.66
N LYS B 41 9.74 31.89 -24.19
CA LYS B 41 9.97 33.09 -23.42
C LYS B 41 8.72 33.55 -22.69
N GLU B 42 7.61 33.61 -23.40
CA GLU B 42 6.39 34.11 -22.80
C GLU B 42 5.90 33.13 -21.70
N ALA B 43 5.93 31.83 -21.96
CA ALA B 43 5.50 30.86 -20.94
C ALA B 43 6.46 30.85 -19.73
N GLY B 44 7.75 30.82 -20.02
CA GLY B 44 8.78 30.82 -18.99
C GLY B 44 8.76 32.05 -18.11
N GLN B 45 8.70 33.24 -18.72
CA GLN B 45 8.62 34.48 -17.94
C GLN B 45 7.35 34.52 -17.10
N ARG B 46 6.23 34.03 -17.65
CA ARG B 46 5.02 34.01 -16.84
C ARG B 46 5.14 33.10 -15.63
N ALA B 47 5.80 31.96 -15.81
CA ALA B 47 5.92 31.01 -14.71
C ALA B 47 6.82 31.55 -13.60
N LEU B 48 7.91 32.15 -14.02
CA LEU B 48 8.85 32.81 -13.10
C LEU B 48 8.18 33.95 -12.32
N ALA B 49 7.48 34.81 -13.04
CA ALA B 49 6.76 35.94 -12.46
C ALA B 49 5.68 35.44 -11.49
N ASP B 50 4.89 34.44 -11.89
CA ASP B 50 3.91 33.77 -11.00
C ASP B 50 4.57 33.19 -9.74
N ALA B 51 5.74 32.54 -9.91
CA ALA B 51 6.46 32.02 -8.73
C ALA B 51 7.03 33.11 -7.84
N GLY B 52 7.35 34.26 -8.44
CA GLY B 52 7.97 35.40 -7.76
C GLY B 52 9.48 35.33 -7.74
N ILE B 53 10.10 34.65 -8.72
CA ILE B 53 11.55 34.44 -8.71
C ILE B 53 12.15 34.88 -10.02
N LYS B 54 13.49 35.00 -10.04
CA LYS B 54 14.21 35.23 -11.29
C LYS B 54 14.74 33.91 -11.85
N TYR B 55 15.08 33.94 -13.15
CA TYR B 55 15.72 32.81 -13.79
C TYR B 55 16.96 32.33 -13.02
N SER B 56 17.71 33.26 -12.44
CA SER B 56 18.90 32.92 -11.64
C SER B 56 18.66 31.93 -10.50
N ALA B 57 17.43 31.79 -9.98
CA ALA B 57 17.14 30.79 -8.96
C ALA B 57 16.92 29.37 -9.50
N ILE B 58 16.70 29.23 -10.81
CA ILE B 58 16.50 27.91 -11.42
C ILE B 58 17.84 27.14 -11.42
N GLN B 59 17.82 25.93 -10.88
CA GLN B 59 19.04 25.13 -10.75
C GLN B 59 19.22 24.06 -11.82
N GLN B 60 18.12 23.66 -12.46
CA GLN B 60 18.20 22.76 -13.59
C GLN B 60 16.91 22.94 -14.40
N ALA B 61 16.99 22.79 -15.72
CA ALA B 61 15.82 22.88 -16.62
C ALA B 61 15.62 21.57 -17.38
N CYS B 62 14.36 21.18 -17.52
CA CYS B 62 13.94 20.01 -18.26
C CYS B 62 12.98 20.53 -19.31
N VAL B 63 13.37 20.43 -20.57
CA VAL B 63 12.63 21.09 -21.65
C VAL B 63 12.10 20.02 -22.61
N GLY B 64 10.78 20.00 -22.75
CA GLY B 64 10.13 19.03 -23.61
C GLY B 64 9.65 19.65 -24.92
N TYR B 65 10.01 18.99 -26.03
CA TYR B 65 9.47 19.30 -27.34
C TYR B 65 9.71 18.07 -28.24
N VAL B 66 8.88 17.89 -29.25
CA VAL B 66 8.95 16.75 -30.16
C VAL B 66 9.56 17.13 -31.50
N TYR B 67 9.20 18.29 -32.06
CA TYR B 67 9.69 18.69 -33.38
C TYR B 67 10.83 19.68 -33.22
N GLY B 68 11.96 19.36 -33.82
CA GLY B 68 13.11 20.25 -33.87
C GLY B 68 14.38 19.46 -33.79
N ASP B 69 15.48 20.10 -34.16
CA ASP B 69 16.80 19.54 -33.96
C ASP B 69 17.11 19.43 -32.45
N SER B 70 18.12 18.64 -32.12
CA SER B 70 18.51 18.49 -30.74
C SER B 70 19.01 19.86 -30.20
N THR B 71 18.83 20.09 -28.92
CA THR B 71 19.13 21.38 -28.25
C THR B 71 18.24 22.61 -28.61
N CYS B 72 17.04 22.39 -29.16
CA CYS B 72 16.04 23.46 -29.13
C CYS B 72 15.75 24.03 -27.75
N GLY B 73 15.87 23.22 -26.68
CA GLY B 73 15.56 23.70 -25.32
C GLY B 73 16.52 24.79 -24.96
N GLN B 74 17.81 24.52 -25.15
CA GLN B 74 18.82 25.56 -24.88
C GLN B 74 18.55 26.77 -25.81
N ARG B 75 18.31 26.52 -27.09
CA ARG B 75 18.09 27.62 -27.99
C ARG B 75 16.88 28.52 -27.60
N ALA B 76 15.88 27.90 -26.95
CA ALA B 76 14.68 28.59 -26.53
C ALA B 76 14.81 29.33 -25.22
N ILE B 77 15.81 28.98 -24.42
CA ILE B 77 16.01 29.51 -23.07
C ILE B 77 17.09 30.60 -23.05
N TYR B 78 18.21 30.32 -23.70
CA TYR B 78 19.43 31.11 -23.55
C TYR B 78 19.28 32.62 -23.69
N HIS B 79 18.55 33.04 -24.72
CA HIS B 79 18.54 34.44 -25.18
C HIS B 79 17.25 35.20 -24.78
N SER B 80 16.43 34.58 -23.93
CA SER B 80 15.36 35.24 -23.20
C SER B 80 15.59 35.10 -21.71
N LEU B 81 15.55 33.87 -21.21
CA LEU B 81 15.66 33.64 -19.76
C LEU B 81 17.05 33.90 -19.20
N GLY B 82 18.09 33.47 -19.91
CA GLY B 82 19.48 33.76 -19.52
C GLY B 82 20.44 32.59 -19.75
N LEU B 83 21.70 32.82 -19.41
CA LEU B 83 22.82 31.91 -19.68
C LEU B 83 23.52 31.63 -18.37
N SER B 84 22.90 30.81 -17.55
CA SER B 84 23.40 30.58 -16.16
C SER B 84 24.32 29.38 -16.07
N GLY B 85 24.41 28.59 -17.15
CA GLY B 85 25.27 27.41 -17.20
C GLY B 85 24.69 26.18 -16.57
N ILE B 86 23.41 26.26 -16.16
CA ILE B 86 22.80 25.13 -15.44
C ILE B 86 22.61 23.93 -16.35
N PRO B 87 22.40 22.73 -15.75
CA PRO B 87 22.02 21.58 -16.58
C PRO B 87 20.67 21.79 -17.29
N ILE B 88 20.67 21.56 -18.59
CA ILE B 88 19.50 21.60 -19.42
C ILE B 88 19.44 20.30 -20.22
N ILE B 89 18.31 19.61 -20.14
CA ILE B 89 18.07 18.34 -20.79
C ILE B 89 16.81 18.45 -21.65
N ASN B 90 16.96 18.07 -22.92
CA ASN B 90 15.87 18.04 -23.89
C ASN B 90 15.28 16.64 -23.81
N VAL B 91 13.94 16.57 -23.69
CA VAL B 91 13.25 15.33 -23.44
C VAL B 91 12.03 15.22 -24.36
N ASN B 92 11.60 13.99 -24.59
CA ASN B 92 10.38 13.76 -25.37
C ASN B 92 9.72 12.42 -25.03
N ASN B 93 8.42 12.38 -25.32
CA ASN B 93 7.55 11.20 -25.17
C ASN B 93 6.23 11.45 -25.91
N ASN B 94 6.36 11.92 -27.15
CA ASN B 94 5.21 12.26 -27.97
C ASN B 94 4.22 13.15 -27.20
N SER B 96 2.84 13.10 -24.28
CA SER B 96 3.12 13.32 -22.83
C SER B 96 4.50 13.96 -22.56
N THR B 97 5.06 14.56 -23.61
CA THR B 97 6.34 15.26 -23.52
C THR B 97 6.36 16.30 -22.38
N GLY B 98 5.31 17.13 -22.30
CA GLY B 98 5.20 18.12 -21.22
C GLY B 98 5.17 17.51 -19.83
N SER B 99 4.39 16.44 -19.64
CA SER B 99 4.39 15.78 -18.31
C SER B 99 5.69 15.06 -18.03
N THR B 100 6.41 14.64 -19.09
CA THR B 100 7.71 14.08 -18.94
C THR B 100 8.73 15.09 -18.39
N ALA B 101 8.70 16.31 -18.92
CA ALA B 101 9.53 17.37 -18.34
C ALA B 101 9.11 17.66 -16.90
N LEU B 102 7.81 17.68 -16.66
CA LEU B 102 7.30 17.87 -15.31
C LEU B 102 7.80 16.76 -14.37
N PHE B 103 7.64 15.52 -14.81
CA PHE B 103 8.09 14.30 -14.06
C PHE B 103 9.54 14.35 -13.67
N MET B 104 10.41 14.73 -14.61
CA MET B 104 11.84 14.88 -14.33
C MET B 104 12.09 15.95 -13.29
N GLY B 105 11.42 17.09 -13.42
CA GLY B 105 11.61 18.21 -12.51
C GLY B 105 11.17 17.79 -11.10
N ARG B 106 10.06 17.07 -11.02
CA ARG B 106 9.56 16.55 -9.76
C ARG B 106 10.60 15.60 -9.16
N GLN B 107 11.14 14.67 -9.96
CA GLN B 107 12.18 13.76 -9.45
C GLN B 107 13.37 14.54 -8.83
N LEU B 108 13.80 15.61 -9.48
CA LEU B 108 14.94 16.36 -9.02
C LEU B 108 14.74 16.99 -7.62
N ILE B 109 13.56 17.56 -7.39
CA ILE B 109 13.19 18.10 -6.09
C ILE B 109 13.02 16.97 -5.05
N GLN B 110 12.26 15.94 -5.43
CA GLN B 110 12.02 14.82 -4.54
C GLN B 110 13.33 14.18 -4.08
N GLY B 111 14.26 14.02 -4.99
CA GLY B 111 15.55 13.42 -4.69
C GLY B 111 16.53 14.30 -3.93
N GLY B 112 16.18 15.55 -3.68
CA GLY B 112 17.11 16.51 -3.11
C GLY B 112 18.25 16.90 -4.00
N LEU B 113 18.11 16.77 -5.32
CA LEU B 113 19.19 17.18 -6.22
C LEU B 113 19.19 18.68 -6.47
N ALA B 114 18.04 19.30 -6.24
CA ALA B 114 17.88 20.73 -6.41
C ALA B 114 16.76 21.19 -5.51
N ASP B 115 16.77 22.48 -5.23
CA ASP B 115 15.70 23.16 -4.47
C ASP B 115 14.75 23.91 -5.37
N CYS B 116 15.17 24.22 -6.60
CA CYS B 116 14.32 24.98 -7.53
C CYS B 116 14.68 24.62 -8.99
N VAL B 117 13.67 24.20 -9.74
CA VAL B 117 13.88 23.72 -11.12
C VAL B 117 12.76 24.22 -12.02
N LEU B 118 13.06 24.21 -13.34
CA LEU B 118 12.13 24.65 -14.39
C LEU B 118 11.74 23.46 -15.27
N ALA B 119 10.44 23.25 -15.43
CA ALA B 119 9.90 22.37 -16.49
C ALA B 119 9.28 23.26 -17.57
N LEU B 120 9.74 23.09 -18.80
CA LEU B 120 9.32 23.92 -19.92
C LEU B 120 8.96 23.01 -21.08
N GLY B 121 7.85 23.28 -21.75
CA GLY B 121 7.43 22.53 -22.93
C GLY B 121 6.88 23.49 -23.97
N PHE B 122 7.18 23.22 -25.24
CA PHE B 122 6.62 24.01 -26.34
C PHE B 122 6.45 23.14 -27.58
N GLU B 123 5.63 23.60 -28.51
CA GLU B 123 5.57 22.95 -29.81
C GLU B 123 5.15 23.93 -30.87
N LYS B 124 5.87 23.93 -31.99
CA LYS B 124 5.47 24.62 -33.20
C LYS B 124 5.38 23.53 -34.29
N MET B 125 4.20 23.36 -34.88
CA MET B 125 3.99 22.32 -35.90
C MET B 125 4.64 22.73 -37.22
N GLU B 126 4.92 21.75 -38.08
CA GLU B 126 5.35 22.00 -39.48
C GLU B 126 4.10 22.11 -40.36
N LYS B 133 9.40 11.82 -41.25
CA LYS B 133 10.73 12.39 -41.43
C LYS B 133 11.88 11.39 -41.25
N TYR B 134 11.64 10.27 -40.58
CA TYR B 134 12.64 9.19 -40.48
C TYR B 134 12.05 7.89 -41.04
N MET B 135 11.94 7.91 -42.37
CA MET B 135 11.42 6.82 -43.17
C MET B 135 12.43 5.69 -43.36
N ASP B 136 13.71 6.00 -43.21
CA ASP B 136 14.80 5.04 -43.36
C ASP B 136 14.94 4.01 -42.23
N ARG B 137 14.06 4.02 -41.23
CA ARG B 137 14.26 3.19 -40.03
C ARG B 137 12.94 2.85 -39.35
N THR B 138 13.04 1.97 -38.36
CA THR B 138 11.88 1.54 -37.61
C THR B 138 11.09 2.72 -37.01
N ASN B 139 9.82 2.81 -37.41
CA ASN B 139 8.87 3.77 -36.84
C ASN B 139 8.42 3.26 -35.46
N PRO B 140 8.59 4.08 -34.39
CA PRO B 140 8.19 3.71 -33.02
C PRO B 140 6.73 3.24 -32.83
N MET B 141 5.83 3.68 -33.72
CA MET B 141 4.39 3.37 -33.68
C MET B 141 3.97 2.15 -34.52
N ASP B 142 4.90 1.54 -35.24
CA ASP B 142 4.55 0.44 -36.15
C ASP B 142 3.85 -0.80 -35.49
N LYS B 143 4.32 -1.24 -34.34
CA LYS B 143 3.71 -2.38 -33.66
C LYS B 143 2.40 -2.05 -32.98
N HIS B 144 2.22 -0.78 -32.60
CA HIS B 144 0.95 -0.29 -32.06
C HIS B 144 -0.09 -0.32 -33.17
N MET B 145 0.22 0.33 -34.30
CA MET B 145 -0.63 0.29 -35.50
C MET B 145 -0.97 -1.14 -35.96
N GLU B 146 -0.04 -2.07 -35.82
CA GLU B 146 -0.26 -3.46 -36.21
C GLU B 146 -1.44 -4.10 -35.47
N VAL B 147 -1.56 -3.80 -34.17
CA VAL B 147 -2.70 -4.27 -33.39
C VAL B 147 -4.02 -3.77 -33.99
N MET B 148 -4.10 -2.48 -34.24
CA MET B 148 -5.32 -1.88 -34.79
C MET B 148 -5.67 -2.41 -36.19
N ILE B 149 -4.68 -2.48 -37.08
CA ILE B 149 -4.94 -2.85 -38.46
C ILE B 149 -5.32 -4.31 -38.53
N ASN B 150 -4.71 -5.18 -37.71
CA ASN B 150 -5.12 -6.58 -37.70
C ASN B 150 -6.57 -6.83 -37.26
N ARG B 151 -7.03 -6.01 -36.35
CA ARG B 151 -8.39 -6.07 -35.84
C ARG B 151 -9.42 -5.42 -36.79
N TYR B 152 -9.13 -4.19 -37.25
CA TYR B 152 -10.13 -3.35 -37.91
C TYR B 152 -9.84 -2.90 -39.34
N GLY B 153 -8.69 -3.25 -39.90
CA GLY B 153 -8.28 -2.71 -41.19
C GLY B 153 -7.71 -1.30 -41.05
N LEU B 154 -7.40 -0.71 -42.19
CA LEU B 154 -6.82 0.62 -42.29
C LEU B 154 -7.70 1.47 -43.22
N ALA B 155 -8.23 2.58 -42.70
CA ALA B 155 -8.94 3.54 -43.56
C ALA B 155 -7.97 4.57 -44.15
N ALA B 156 -8.45 5.31 -45.14
CA ALA B 156 -7.66 6.35 -45.79
C ALA B 156 -7.83 7.69 -45.04
N VAL B 157 -7.63 7.67 -43.72
CA VAL B 157 -7.69 8.89 -42.87
C VAL B 157 -6.45 8.82 -41.99
N PRO B 158 -6.11 9.94 -41.32
CA PRO B 158 -4.86 9.84 -40.56
C PRO B 158 -4.91 8.77 -39.41
N ALA B 159 -3.73 8.39 -38.91
CA ALA B 159 -3.60 7.27 -37.95
C ALA B 159 -4.33 7.52 -36.63
N ALA B 160 -4.14 8.70 -36.04
CA ALA B 160 -4.59 8.98 -34.67
C ALA B 160 -6.09 8.78 -34.49
N PRO B 161 -6.94 9.40 -35.37
CA PRO B 161 -8.38 9.13 -35.18
C PRO B 161 -8.76 7.68 -35.35
N GLN B 162 -8.01 6.93 -36.16
CA GLN B 162 -8.30 5.51 -36.29
C GLN B 162 -7.94 4.77 -34.99
N MET B 163 -6.77 5.04 -34.45
CA MET B 163 -6.36 4.34 -33.21
C MET B 163 -7.39 4.53 -32.10
N PHE B 164 -7.76 5.79 -31.83
CA PHE B 164 -8.67 6.06 -30.70
C PHE B 164 -10.11 5.80 -31.06
N GLY B 165 -10.49 6.02 -32.32
CA GLY B 165 -11.82 5.65 -32.79
C GLY B 165 -12.10 4.14 -32.63
N ASN B 166 -11.12 3.33 -33.03
CA ASN B 166 -11.20 1.88 -32.90
C ASN B 166 -11.24 1.42 -31.44
N ALA B 167 -10.48 2.08 -30.55
CA ALA B 167 -10.62 1.84 -29.10
C ALA B 167 -12.06 2.10 -28.64
N GLY B 168 -12.65 3.16 -29.18
CA GLY B 168 -14.04 3.51 -28.88
C GLY B 168 -15.02 2.45 -29.39
N ARG B 169 -14.77 1.94 -30.61
CA ARG B 169 -15.63 0.87 -31.19
C ARG B 169 -15.55 -0.37 -30.34
N GLU B 170 -14.33 -0.70 -29.89
CA GLU B 170 -14.17 -1.83 -28.96
C GLU B 170 -15.01 -1.64 -27.68
N HIS B 171 -15.04 -0.42 -27.16
CA HIS B 171 -15.81 -0.14 -25.93
C HIS B 171 -17.31 -0.33 -26.16
N MET B 172 -17.78 0.15 -27.31
CA MET B 172 -19.17 -0.05 -27.73
C MET B 172 -19.55 -1.55 -27.86
N GLU B 173 -18.68 -2.32 -28.53
CA GLU B 173 -18.86 -3.78 -28.70
C GLU B 173 -18.92 -4.52 -27.38
N LYS B 174 -17.99 -4.21 -26.49
CA LYS B 174 -17.93 -4.88 -25.20
C LYS B 174 -19.03 -4.44 -24.27
N TYR B 175 -19.38 -3.15 -24.28
CA TYR B 175 -20.19 -2.60 -23.19
C TYR B 175 -21.53 -1.96 -23.57
N GLY B 176 -21.82 -1.78 -24.86
CA GLY B 176 -23.08 -1.14 -25.27
C GLY B 176 -23.13 0.39 -25.23
N THR B 177 -21.99 1.04 -24.95
CA THR B 177 -21.86 2.49 -25.04
C THR B 177 -22.33 2.91 -26.42
N LYS B 178 -23.05 4.02 -26.50
CA LYS B 178 -23.65 4.49 -27.75
C LYS B 178 -22.74 5.55 -28.38
N PRO B 179 -22.84 5.75 -29.71
CA PRO B 179 -22.07 6.84 -30.34
C PRO B 179 -22.26 8.22 -29.68
N GLU B 180 -23.48 8.49 -29.19
CA GLU B 180 -23.81 9.79 -28.64
C GLU B 180 -23.10 10.08 -27.32
N HIS B 181 -22.70 9.03 -26.59
CA HIS B 181 -21.95 9.19 -25.35
C HIS B 181 -20.63 9.89 -25.67
N PHE B 182 -20.01 9.48 -26.77
CA PHE B 182 -18.74 10.08 -27.23
C PHE B 182 -18.99 11.53 -27.63
N ALA B 183 -20.06 11.77 -28.38
CA ALA B 183 -20.46 13.14 -28.73
C ALA B 183 -20.75 14.04 -27.54
N LYS B 184 -21.35 13.49 -26.49
CA LYS B 184 -21.60 14.22 -25.25
C LYS B 184 -20.33 14.65 -24.51
N VAL B 185 -19.33 13.78 -24.51
CA VAL B 185 -18.03 14.13 -23.95
C VAL B 185 -17.45 15.35 -24.69
N ALA B 186 -17.46 15.35 -26.03
CA ALA B 186 -16.95 16.50 -26.76
C ALA B 186 -17.78 17.76 -26.53
N TRP B 187 -19.11 17.61 -26.49
CA TRP B 187 -20.01 18.71 -26.17
C TRP B 187 -19.61 19.36 -24.83
N LYS B 188 -19.41 18.52 -23.83
CA LYS B 188 -19.04 19.00 -22.49
C LYS B 188 -17.72 19.81 -22.52
N ASN B 189 -16.72 19.28 -23.22
CA ASN B 189 -15.44 19.93 -23.38
C ASN B 189 -15.56 21.29 -24.06
N HIS B 190 -16.26 21.35 -25.19
CA HIS B 190 -16.48 22.62 -25.88
C HIS B 190 -17.23 23.62 -25.01
N LYS B 191 -18.21 23.14 -24.25
CA LYS B 191 -18.88 24.00 -23.29
C LYS B 191 -17.92 24.60 -22.27
N HIS B 192 -17.01 23.81 -21.71
CA HIS B 192 -16.06 24.34 -20.71
C HIS B 192 -15.15 25.40 -21.36
N SER B 193 -14.81 25.18 -22.62
CA SER B 193 -13.90 26.07 -23.35
C SER B 193 -14.34 27.55 -23.46
N THR B 194 -15.64 27.81 -23.33
CA THR B 194 -16.14 29.18 -23.32
C THR B 194 -15.46 30.01 -22.23
N ASN B 195 -15.11 29.37 -21.11
CA ASN B 195 -14.48 30.05 -19.98
C ASN B 195 -12.93 30.05 -20.01
N ASN B 196 -12.30 29.60 -21.08
CA ASN B 196 -10.83 29.50 -21.10
C ASN B 196 -10.23 30.32 -22.27
N PRO B 197 -9.70 31.51 -21.97
CA PRO B 197 -9.11 32.37 -23.00
C PRO B 197 -7.80 31.82 -23.60
N TYR B 198 -7.20 30.79 -22.97
CA TYR B 198 -6.03 30.13 -23.55
C TYR B 198 -6.37 29.11 -24.65
N SER B 199 -7.64 28.75 -24.79
CA SER B 199 -8.04 27.71 -25.69
C SER B 199 -8.16 28.22 -27.14
N GLN B 200 -7.66 27.48 -28.12
CA GLN B 200 -7.85 27.84 -29.54
C GLN B 200 -9.33 28.07 -29.83
N PHE B 201 -10.16 27.10 -29.46
CA PHE B 201 -11.60 27.17 -29.63
C PHE B 201 -12.32 27.46 -28.31
N GLN B 202 -13.19 28.46 -28.34
CA GLN B 202 -13.99 28.85 -27.20
C GLN B 202 -15.49 28.84 -27.52
N ASP B 203 -15.87 28.25 -28.65
CA ASP B 203 -17.28 28.17 -29.07
C ASP B 203 -17.99 27.03 -28.35
N GLU B 204 -19.22 27.30 -27.92
CA GLU B 204 -20.12 26.27 -27.44
C GLU B 204 -20.94 25.72 -28.60
N TYR B 205 -21.10 24.39 -28.63
CA TYR B 205 -21.96 23.74 -29.62
C TYR B 205 -23.09 23.00 -28.94
N SER B 206 -24.20 22.83 -29.66
CA SER B 206 -25.24 21.91 -29.20
C SER B 206 -24.73 20.50 -29.44
N LEU B 207 -25.35 19.56 -28.77
CA LEU B 207 -25.05 18.16 -28.99
C LEU B 207 -25.27 17.73 -30.45
N GLU B 208 -26.36 18.21 -31.07
CA GLU B 208 -26.62 17.90 -32.49
C GLU B 208 -25.55 18.47 -33.41
N GLN B 209 -25.07 19.66 -33.09
CA GLN B 209 -23.97 20.25 -33.88
C GLN B 209 -22.68 19.36 -33.82
N VAL B 210 -22.41 18.76 -32.66
CA VAL B 210 -21.26 17.85 -32.53
C VAL B 210 -21.50 16.62 -33.38
N ILE B 211 -22.68 16.02 -33.19
CA ILE B 211 -23.09 14.82 -33.95
C ILE B 211 -23.05 15.07 -35.47
N ASP B 212 -23.45 16.27 -35.89
CA ASP B 212 -23.56 16.60 -37.33
C ASP B 212 -22.34 17.22 -37.95
N SER B 213 -21.29 17.44 -37.17
CA SER B 213 -20.04 17.94 -37.74
C SER B 213 -19.43 16.86 -38.65
N ARG B 214 -18.52 17.27 -39.53
CA ARG B 214 -17.97 16.39 -40.58
C ARG B 214 -17.38 15.09 -39.99
N LYS B 215 -17.74 13.95 -40.57
CA LYS B 215 -17.15 12.67 -40.19
C LYS B 215 -15.62 12.67 -40.42
N VAL B 216 -14.87 12.27 -39.39
CA VAL B 216 -13.41 12.07 -39.51
C VAL B 216 -13.12 10.57 -39.67
N PHE B 217 -13.67 9.75 -38.75
CA PHE B 217 -13.50 8.30 -38.77
C PHE B 217 -14.57 7.65 -37.94
N GLU B 218 -15.44 6.87 -38.59
CA GLU B 218 -16.54 6.16 -37.91
C GLU B 218 -17.41 7.15 -37.12
N PHE B 219 -17.74 6.87 -35.86
CA PHE B 219 -18.51 7.82 -35.01
C PHE B 219 -17.80 9.15 -34.75
N LEU B 220 -16.47 9.22 -34.85
CA LEU B 220 -15.74 10.47 -34.56
C LEU B 220 -16.01 11.51 -35.62
N THR B 221 -16.62 12.60 -35.19
CA THR B 221 -16.78 13.78 -36.02
C THR B 221 -15.72 14.84 -35.66
N LEU B 222 -15.61 15.86 -36.50
CA LEU B 222 -14.55 16.88 -36.34
C LEU B 222 -14.54 17.54 -34.95
N LEU B 223 -15.72 17.82 -34.40
CA LEU B 223 -15.78 18.46 -33.09
C LEU B 223 -15.49 17.53 -31.93
N GLN B 224 -15.24 16.24 -32.21
CA GLN B 224 -14.73 15.26 -31.22
C GLN B 224 -13.21 15.01 -31.28
N CYS B 225 -12.49 15.74 -32.16
CA CYS B 225 -11.06 15.52 -32.42
C CYS B 225 -10.34 16.81 -32.10
N CYS B 226 -9.19 16.69 -31.43
CA CYS B 226 -8.39 17.84 -31.08
C CYS B 226 -7.77 18.49 -32.34
N PRO B 227 -7.79 19.82 -32.44
CA PRO B 227 -7.04 20.45 -33.52
C PRO B 227 -5.56 20.53 -33.16
N THR B 228 -4.72 20.83 -34.15
CA THR B 228 -3.34 21.19 -33.89
C THR B 228 -3.31 22.65 -33.33
N SER B 229 -2.47 22.89 -32.32
CA SER B 229 -2.18 24.24 -31.82
C SER B 229 -0.66 24.39 -31.68
N ASP B 230 -0.20 25.62 -31.76
CA ASP B 230 1.15 26.00 -31.34
C ASP B 230 1.05 26.62 -29.96
N GLY B 231 2.03 26.39 -29.11
CA GLY B 231 2.06 27.05 -27.81
C GLY B 231 3.16 26.54 -26.91
N ALA B 232 3.27 27.17 -25.74
CA ALA B 232 4.26 26.78 -24.74
C ALA B 232 3.62 26.80 -23.38
N GLY B 233 4.19 26.02 -22.46
CA GLY B 233 3.81 26.01 -21.06
C GLY B 233 5.04 25.84 -20.19
N ALA B 234 4.92 26.21 -18.92
CA ALA B 234 6.04 26.09 -17.99
C ALA B 234 5.57 25.99 -16.54
N ALA B 235 6.37 25.33 -15.73
CA ALA B 235 6.16 25.22 -14.28
C ALA B 235 7.48 25.35 -13.56
N VAL B 236 7.47 26.09 -12.47
CA VAL B 236 8.58 26.19 -11.55
C VAL B 236 8.27 25.23 -10.42
N LEU B 237 9.20 24.32 -10.13
CA LEU B 237 8.97 23.38 -9.01
C LEU B 237 10.03 23.67 -7.95
N ALA B 238 9.69 23.38 -6.70
CA ALA B 238 10.57 23.75 -5.58
C ALA B 238 10.41 22.87 -4.37
N SER B 239 11.45 22.85 -3.54
CA SER B 239 11.45 22.11 -2.29
C SER B 239 10.70 22.84 -1.18
N GLU B 240 10.47 22.10 -0.11
CA GLU B 240 9.92 22.66 1.13
C GLU B 240 10.80 23.79 1.65
N SER B 241 12.08 23.50 1.79
CA SER B 241 13.00 24.52 2.31
C SER B 241 13.01 25.78 1.42
N PHE B 242 12.87 25.62 0.10
CA PHE B 242 12.81 26.79 -0.82
C PHE B 242 11.52 27.59 -0.66
N VAL B 243 10.39 26.90 -0.53
CA VAL B 243 9.12 27.52 -0.22
C VAL B 243 9.17 28.32 1.13
N ARG B 244 9.68 27.69 2.20
CA ARG B 244 9.78 28.35 3.51
C ARG B 244 10.67 29.55 3.45
N ARG B 245 11.85 29.39 2.88
CA ARG B 245 12.87 30.45 2.79
C ARG B 245 12.40 31.70 2.03
N ASN B 246 11.54 31.52 1.02
CA ASN B 246 11.08 32.62 0.18
C ASN B 246 9.61 32.97 0.43
N GLY B 247 9.02 32.38 1.46
CA GLY B 247 7.63 32.65 1.85
C GLY B 247 6.59 32.42 0.76
N LEU B 248 6.67 31.27 0.07
CA LEU B 248 5.79 30.97 -1.08
C LEU B 248 4.73 29.93 -0.76
N GLU B 249 4.43 29.80 0.52
CA GLU B 249 3.36 28.91 0.98
C GLU B 249 2.02 29.09 0.22
N LYS B 250 1.67 30.34 -0.08
CA LYS B 250 0.34 30.65 -0.61
C LYS B 250 0.08 29.98 -1.95
N LYS B 251 1.06 30.04 -2.85
CA LYS B 251 0.91 29.46 -4.20
C LYS B 251 1.39 28.00 -4.32
N ALA B 252 1.88 27.40 -3.22
CA ALA B 252 2.60 26.12 -3.30
C ALA B 252 1.65 24.98 -3.51
N VAL B 253 1.54 24.51 -4.75
CA VAL B 253 0.70 23.33 -5.07
C VAL B 253 1.58 22.09 -4.97
N GLU B 254 1.25 21.22 -4.02
CA GLU B 254 2.07 20.04 -3.76
C GLU B 254 1.72 18.96 -4.77
N ILE B 255 2.76 18.34 -5.32
CA ILE B 255 2.55 17.06 -6.00
C ILE B 255 2.54 15.95 -4.94
N VAL B 256 1.37 15.40 -4.64
CA VAL B 256 1.26 14.36 -3.58
C VAL B 256 1.49 12.96 -4.12
N ALA B 257 1.50 12.80 -5.46
CA ALA B 257 1.82 11.55 -6.08
C ALA B 257 2.02 11.77 -7.57
N GLN B 258 2.96 11.02 -8.16
CA GLN B 258 3.17 11.08 -9.60
C GLN B 258 3.75 9.78 -10.09
N GLU B 259 3.16 9.24 -11.16
CA GLU B 259 3.60 7.97 -11.77
C GLU B 259 3.71 8.08 -13.30
N MET B 260 4.84 7.61 -13.83
CA MET B 260 4.99 7.37 -15.27
C MET B 260 4.99 5.86 -15.50
N VAL B 261 4.16 5.39 -16.44
CA VAL B 261 4.06 3.98 -16.80
C VAL B 261 4.18 3.88 -18.31
N THR B 262 5.03 2.98 -18.75
CA THR B 262 5.22 2.69 -20.16
C THR B 262 4.50 1.37 -20.49
N ASP B 263 4.60 0.91 -21.72
CA ASP B 263 3.75 -0.14 -22.19
C ASP B 263 4.04 -1.48 -21.51
N LEU B 264 2.96 -2.23 -21.28
CA LEU B 264 3.02 -3.62 -20.83
C LEU B 264 2.77 -4.47 -22.06
N SER B 265 2.95 -5.79 -21.91
CA SER B 265 2.70 -6.70 -23.02
C SER B 265 1.22 -6.71 -23.45
N THR B 266 0.31 -6.35 -22.55
CA THR B 266 -1.11 -6.21 -22.90
C THR B 266 -1.37 -5.25 -24.07
N THR B 267 -0.48 -4.28 -24.29
CA THR B 267 -0.58 -3.35 -25.42
C THR B 267 -0.65 -4.11 -26.73
N PHE B 268 0.20 -5.14 -26.85
CA PHE B 268 0.43 -5.86 -28.09
C PHE B 268 -0.21 -7.26 -28.19
N GLU B 269 -0.57 -7.87 -27.07
CA GLU B 269 -0.87 -9.35 -27.01
C GLU B 269 -2.34 -9.72 -26.81
N GLU B 270 -3.22 -8.72 -26.70
CA GLU B 270 -4.65 -8.95 -26.41
C GLU B 270 -5.57 -8.50 -27.52
N ASN B 271 -5.02 -8.22 -28.71
CA ASN B 271 -5.84 -7.85 -29.86
C ASN B 271 -6.78 -6.67 -29.54
N SER B 272 -6.34 -5.74 -28.69
CA SER B 272 -7.22 -4.71 -28.12
C SER B 272 -6.72 -3.31 -28.41
N CYS B 273 -7.56 -2.53 -29.07
CA CYS B 273 -7.29 -1.14 -29.33
C CYS B 273 -7.30 -0.29 -28.07
N MET B 274 -8.16 -0.64 -27.12
CA MET B 274 -8.15 0.00 -25.80
C MET B 274 -6.81 -0.13 -25.10
N LYS B 275 -6.29 -1.35 -25.01
CA LYS B 275 -4.97 -1.55 -24.41
C LYS B 275 -3.88 -0.90 -25.24
N MET B 276 -4.03 -0.92 -26.55
CA MET B 276 -3.00 -0.39 -27.42
C MET B 276 -2.84 1.13 -27.23
N VAL B 277 -3.95 1.85 -27.03
CA VAL B 277 -3.91 3.29 -26.74
C VAL B 277 -3.58 3.65 -25.30
N GLY B 278 -3.30 2.65 -24.48
CA GLY B 278 -2.73 2.86 -23.17
C GLY B 278 -3.61 2.63 -21.97
N TYR B 279 -4.79 2.00 -22.13
CA TYR B 279 -5.71 1.80 -20.98
C TYR B 279 -5.03 1.25 -19.73
N ASP B 280 -4.25 0.17 -19.88
CA ASP B 280 -3.59 -0.48 -18.74
C ASP B 280 -2.53 0.39 -18.11
N MET B 281 -1.87 1.20 -18.92
CA MET B 281 -0.84 2.10 -18.40
C MET B 281 -1.49 3.16 -17.50
N THR B 282 -2.56 3.77 -17.99
CA THR B 282 -3.36 4.72 -17.23
C THR B 282 -3.86 4.08 -15.93
N ARG B 283 -4.41 2.86 -16.01
CA ARG B 283 -4.94 2.19 -14.80
C ARG B 283 -3.89 1.99 -13.70
N LEU B 284 -2.76 1.41 -14.08
CA LEU B 284 -1.66 1.16 -13.16
C LEU B 284 -1.08 2.49 -12.59
N ALA B 285 -0.83 3.48 -13.45
CA ALA B 285 -0.33 4.79 -13.01
C ALA B 285 -1.26 5.43 -11.97
N ALA B 286 -2.55 5.45 -12.27
CA ALA B 286 -3.58 5.94 -11.33
C ALA B 286 -3.63 5.15 -10.02
N GLU B 287 -3.73 3.82 -10.10
CA GLU B 287 -3.79 2.94 -8.90
C GLU B 287 -2.61 3.17 -7.95
N ARG B 288 -1.40 3.31 -8.51
CA ARG B 288 -0.24 3.61 -7.67
C ARG B 288 -0.33 4.99 -7.01
N CYS B 289 -0.79 6.00 -7.78
CA CYS B 289 -0.99 7.35 -7.25
C CYS B 289 -1.96 7.36 -6.06
N TYR B 290 -3.10 6.69 -6.23
CA TYR B 290 -4.13 6.63 -5.17
C TYR B 290 -3.55 5.98 -3.89
N ASP B 291 -2.81 4.89 -4.05
CA ASP B 291 -2.18 4.20 -2.92
C ASP B 291 -1.12 5.07 -2.20
N THR B 292 -0.23 5.67 -2.97
CA THR B 292 0.78 6.61 -2.41
C THR B 292 0.14 7.76 -1.65
N ALA B 293 -0.83 8.42 -2.27
CA ALA B 293 -1.43 9.61 -1.66
C ALA B 293 -2.50 9.27 -0.62
N GLY B 294 -2.92 8.01 -0.53
CA GLY B 294 -3.90 7.60 0.47
C GLY B 294 -5.29 8.09 0.16
N VAL B 295 -5.67 8.06 -1.12
CA VAL B 295 -6.91 8.62 -1.59
C VAL B 295 -7.58 7.66 -2.56
N LYS B 296 -8.84 7.94 -2.86
CA LYS B 296 -9.64 7.19 -3.82
C LYS B 296 -10.06 8.14 -4.96
N PRO B 297 -10.49 7.58 -6.10
CA PRO B 297 -11.07 8.39 -7.20
C PRO B 297 -12.16 9.34 -6.74
N SER B 298 -13.00 8.86 -5.83
CA SER B 298 -14.09 9.68 -5.28
C SER B 298 -13.61 10.94 -4.54
N ASP B 299 -12.38 10.96 -4.03
CA ASP B 299 -11.79 12.16 -3.41
C ASP B 299 -11.36 13.23 -4.39
N VAL B 300 -11.16 12.86 -5.65
CA VAL B 300 -10.71 13.81 -6.67
C VAL B 300 -11.83 14.81 -6.98
N ASP B 301 -11.52 16.10 -6.98
CA ASP B 301 -12.51 17.14 -7.29
C ASP B 301 -12.50 17.65 -8.73
N VAL B 302 -11.30 17.72 -9.32
CA VAL B 302 -11.12 18.29 -10.64
C VAL B 302 -10.04 17.52 -11.40
N ILE B 303 -10.25 17.38 -12.71
CA ILE B 303 -9.41 16.55 -13.55
C ILE B 303 -9.09 17.29 -14.82
N GLU B 304 -7.81 17.21 -15.24
CA GLU B 304 -7.41 17.49 -16.60
C GLU B 304 -6.82 16.18 -17.17
N LEU B 305 -7.47 15.63 -18.21
CA LEU B 305 -7.09 14.36 -18.77
C LEU B 305 -6.86 14.46 -20.28
N HIS B 306 -6.37 13.39 -20.89
CA HIS B 306 -5.90 13.42 -22.28
C HIS B 306 -6.98 13.13 -23.31
N ASP B 307 -7.78 14.14 -23.62
CA ASP B 307 -8.92 14.00 -24.53
C ASP B 307 -8.56 14.45 -25.99
N CYS B 308 -7.51 13.82 -26.52
CA CYS B 308 -7.14 14.00 -27.93
C CYS B 308 -8.37 13.71 -28.80
N PHE B 309 -9.09 12.65 -28.46
CA PHE B 309 -10.37 12.31 -29.08
C PHE B 309 -11.34 12.05 -27.94
N SER B 310 -12.62 12.34 -28.15
CA SER B 310 -13.67 12.07 -27.13
C SER B 310 -13.56 10.63 -26.61
N ALA B 311 -13.21 9.71 -27.51
CA ALA B 311 -13.08 8.28 -27.17
C ALA B 311 -12.05 8.02 -26.08
N ASN B 312 -10.93 8.72 -26.13
CA ASN B 312 -9.92 8.54 -25.09
C ASN B 312 -10.38 9.01 -23.72
N GLU B 313 -11.12 10.10 -23.69
CA GLU B 313 -11.63 10.58 -22.42
C GLU B 313 -12.62 9.57 -21.83
N LEU B 314 -13.51 9.07 -22.67
CA LEU B 314 -14.56 8.16 -22.23
C LEU B 314 -13.96 6.89 -21.61
N ILE B 315 -12.99 6.28 -22.29
CA ILE B 315 -12.37 5.06 -21.73
C ILE B 315 -11.50 5.39 -20.51
N THR B 316 -10.89 6.58 -20.49
CA THR B 316 -10.05 7.00 -19.38
C THR B 316 -10.85 7.13 -18.06
N TYR B 317 -12.15 7.47 -18.15
CA TYR B 317 -13.01 7.49 -16.96
C TYR B 317 -12.92 6.16 -16.23
N GLU B 318 -12.94 5.08 -17.00
CA GLU B 318 -12.86 3.74 -16.45
C GLU B 318 -11.46 3.37 -16.03
N ALA B 319 -10.45 3.67 -16.86
CA ALA B 319 -9.08 3.35 -16.48
C ALA B 319 -8.69 4.05 -15.16
N LEU B 320 -9.19 5.27 -14.93
CA LEU B 320 -8.88 6.03 -13.71
C LEU B 320 -9.70 5.57 -12.49
N GLY B 321 -10.67 4.66 -12.73
CA GLY B 321 -11.50 4.11 -11.69
C GLY B 321 -12.58 5.05 -11.23
N LEU B 322 -12.94 6.07 -12.02
CA LEU B 322 -14.06 6.95 -11.63
C LEU B 322 -15.36 6.13 -11.53
N CYS B 323 -15.53 5.20 -12.46
CA CYS B 323 -16.70 4.33 -12.50
C CYS B 323 -16.29 2.92 -12.85
N PRO B 324 -17.17 1.92 -12.57
CA PRO B 324 -16.81 0.55 -12.96
C PRO B 324 -16.68 0.35 -14.49
N GLU B 325 -16.10 -0.77 -14.88
CA GLU B 325 -15.90 -1.09 -16.28
C GLU B 325 -17.25 -1.14 -16.99
N GLY B 326 -17.30 -0.53 -18.16
CA GLY B 326 -18.53 -0.38 -18.91
C GLY B 326 -19.48 0.74 -18.52
N LYS B 327 -19.21 1.46 -17.41
CA LYS B 327 -20.18 2.43 -16.84
C LYS B 327 -19.97 3.89 -17.23
N ALA B 328 -19.05 4.18 -18.16
CA ALA B 328 -18.78 5.54 -18.61
C ALA B 328 -20.03 6.23 -19.16
N GLY B 329 -20.85 5.49 -19.90
CA GLY B 329 -22.09 5.99 -20.46
C GLY B 329 -23.02 6.53 -19.40
N GLU B 330 -23.09 5.87 -18.26
CA GLU B 330 -23.93 6.33 -17.13
C GLU B 330 -23.37 7.58 -16.45
N LEU B 331 -22.05 7.62 -16.25
CA LEU B 331 -21.40 8.82 -15.68
C LEU B 331 -21.74 10.04 -16.56
N ILE B 332 -21.57 9.86 -17.87
CA ILE B 332 -21.86 10.89 -18.87
C ILE B 332 -23.34 11.32 -18.83
N ASP B 333 -24.25 10.35 -18.89
CA ASP B 333 -25.70 10.66 -18.86
C ASP B 333 -26.18 11.32 -17.57
N ARG B 334 -25.49 11.10 -16.46
CA ARG B 334 -25.77 11.82 -15.21
C ARG B 334 -25.06 13.19 -15.08
N GLY B 335 -24.26 13.59 -16.06
CA GLY B 335 -23.51 14.84 -15.97
C GLY B 335 -22.49 14.81 -14.88
N ASP B 336 -21.92 13.63 -14.59
CA ASP B 336 -20.91 13.53 -13.52
C ASP B 336 -19.47 13.93 -13.92
N ASN B 337 -19.30 14.49 -15.14
CA ASN B 337 -18.01 14.95 -15.66
C ASN B 337 -17.95 16.48 -15.75
N THR B 338 -18.97 17.17 -15.22
CA THR B 338 -19.04 18.63 -15.33
C THR B 338 -19.57 19.28 -14.04
N TYR B 339 -19.62 20.61 -14.06
CA TYR B 339 -20.09 21.43 -12.92
C TYR B 339 -21.43 20.91 -12.39
N GLY B 340 -21.52 20.80 -11.05
CA GLY B 340 -22.69 20.24 -10.38
C GLY B 340 -22.67 18.72 -10.22
N GLY B 341 -21.77 18.02 -10.93
CA GLY B 341 -21.68 16.57 -10.84
C GLY B 341 -20.50 16.15 -9.98
N LYS B 342 -20.16 14.87 -10.04
CA LYS B 342 -19.17 14.32 -9.14
C LYS B 342 -17.76 14.83 -9.43
N TRP B 343 -17.35 14.84 -10.71
CA TRP B 343 -16.02 15.34 -11.11
C TRP B 343 -16.23 16.42 -12.16
N VAL B 344 -15.49 17.52 -12.07
CA VAL B 344 -15.41 18.48 -13.14
C VAL B 344 -14.14 18.11 -13.89
N ILE B 345 -14.34 17.71 -15.16
CA ILE B 345 -13.32 17.16 -15.98
C ILE B 345 -13.04 18.09 -17.13
N ASN B 346 -11.76 18.48 -17.27
CA ASN B 346 -11.33 19.41 -18.31
C ASN B 346 -12.05 20.78 -18.22
N PRO B 347 -11.94 21.45 -17.07
CA PRO B 347 -12.47 22.80 -17.03
C PRO B 347 -11.82 23.74 -18.06
N SER B 348 -10.63 23.38 -18.54
CA SER B 348 -9.96 24.07 -19.63
C SER B 348 -10.65 24.01 -21.00
N GLY B 349 -11.54 23.06 -21.20
CA GLY B 349 -12.03 22.74 -22.52
C GLY B 349 -11.38 21.50 -23.13
N GLY B 350 -10.33 21.00 -22.47
CA GLY B 350 -9.60 19.84 -22.92
C GLY B 350 -8.82 20.10 -24.17
N LEU B 351 -8.08 19.08 -24.59
CA LEU B 351 -7.38 19.10 -25.87
C LEU B 351 -8.35 19.33 -27.05
N ILE B 352 -9.57 18.82 -26.92
CA ILE B 352 -10.61 18.98 -27.95
C ILE B 352 -10.81 20.45 -28.31
N SER B 353 -10.78 21.33 -27.32
CA SER B 353 -10.96 22.76 -27.54
C SER B 353 -9.64 23.50 -27.71
N LYS B 354 -8.69 23.21 -26.82
CA LYS B 354 -7.39 23.89 -26.78
C LYS B 354 -6.50 23.55 -27.99
N GLY B 355 -6.65 22.34 -28.53
CA GLY B 355 -5.67 21.77 -29.44
C GLY B 355 -4.48 21.20 -28.67
N HIS B 356 -3.53 20.63 -29.40
CA HIS B 356 -2.52 19.76 -28.83
C HIS B 356 -1.13 20.14 -29.39
N PRO B 357 -0.42 21.11 -28.77
CA PRO B 357 1.02 21.26 -29.08
C PRO B 357 1.75 20.25 -28.24
N LEU B 358 2.38 19.24 -28.87
CA LEU B 358 2.79 18.04 -28.10
C LEU B 358 3.60 18.36 -26.84
N GLY B 359 4.66 19.16 -27.00
CA GLY B 359 5.52 19.51 -25.87
C GLY B 359 4.86 20.30 -24.74
N ALA B 360 3.82 21.08 -25.05
CA ALA B 360 3.24 22.04 -24.09
C ALA B 360 2.02 21.47 -23.34
N THR B 361 1.36 20.48 -23.92
CA THR B 361 0.05 20.01 -23.43
C THR B 361 0.09 19.67 -21.93
N GLY B 362 1.03 18.84 -21.49
CA GLY B 362 1.09 18.47 -20.06
C GLY B 362 1.31 19.64 -19.11
N LEU B 363 2.09 20.64 -19.55
CA LEU B 363 2.31 21.86 -18.77
C LEU B 363 1.10 22.79 -18.70
N ALA B 364 0.28 22.82 -19.74
CA ALA B 364 -0.98 23.57 -19.68
C ALA B 364 -1.98 22.91 -18.73
N GLN B 365 -1.94 21.57 -18.67
CA GLN B 365 -2.84 20.84 -17.75
C GLN B 365 -2.46 21.17 -16.31
N CYS B 366 -1.15 21.14 -16.05
CA CYS B 366 -0.60 21.48 -14.75
C CYS B 366 -1.01 22.90 -14.37
N ALA B 367 -0.86 23.84 -15.30
CA ALA B 367 -1.21 25.23 -15.05
C ALA B 367 -2.69 25.35 -14.59
N GLU B 368 -3.61 24.76 -15.33
CA GLU B 368 -5.02 24.90 -14.97
C GLU B 368 -5.31 24.32 -13.61
N LEU B 369 -4.76 23.14 -13.33
CA LEU B 369 -5.06 22.48 -12.09
C LEU B 369 -4.50 23.28 -10.94
N CYS B 370 -3.34 23.90 -11.15
CA CYS B 370 -2.77 24.77 -10.12
C CYS B 370 -3.68 25.98 -9.84
N TRP B 371 -4.18 26.62 -10.91
CA TRP B 371 -5.12 27.73 -10.74
C TRP B 371 -6.39 27.27 -10.05
N GLN B 372 -6.86 26.07 -10.36
CA GLN B 372 -8.07 25.51 -9.70
C GLN B 372 -7.87 25.37 -8.19
N LEU B 373 -6.76 24.76 -7.79
CA LEU B 373 -6.51 24.53 -6.35
C LEU B 373 -6.15 25.81 -5.61
N ARG B 374 -5.58 26.79 -6.30
CA ARG B 374 -5.30 28.11 -5.73
C ARG B 374 -6.52 29.07 -5.65
N ALA B 375 -7.67 28.62 -6.14
CA ALA B 375 -8.91 29.41 -6.18
C ALA B 375 -8.77 30.65 -7.06
N GLU B 376 -8.11 30.47 -8.20
CA GLU B 376 -7.87 31.56 -9.16
C GLU B 376 -8.30 31.22 -10.58
N ALA B 377 -9.15 30.20 -10.76
CA ALA B 377 -9.59 29.79 -12.11
C ALA B 377 -10.78 30.58 -12.63
N GLY B 378 -11.15 31.67 -11.96
CA GLY B 378 -12.13 32.58 -12.51
C GLY B 378 -13.46 31.91 -12.78
N PRO B 379 -14.02 32.11 -13.96
CA PRO B 379 -15.31 31.51 -14.25
C PRO B 379 -15.28 29.96 -14.44
N ARG B 380 -14.09 29.39 -14.54
CA ARG B 380 -13.91 27.93 -14.61
C ARG B 380 -13.85 27.31 -13.22
N GLN B 381 -13.78 28.12 -12.16
CA GLN B 381 -13.52 27.60 -10.80
C GLN B 381 -14.42 26.43 -10.39
N VAL B 382 -13.81 25.34 -9.96
CA VAL B 382 -14.54 24.26 -9.30
C VAL B 382 -14.60 24.64 -7.80
N PRO B 383 -15.82 24.97 -7.31
CA PRO B 383 -15.86 25.47 -5.90
C PRO B 383 -15.34 24.45 -4.92
N GLY B 384 -14.43 24.87 -4.06
CA GLY B 384 -13.95 24.00 -2.99
C GLY B 384 -12.97 22.92 -3.41
N ALA B 385 -12.52 22.93 -4.67
CA ALA B 385 -11.54 21.94 -5.13
C ALA B 385 -10.29 21.86 -4.24
N LYS B 386 -10.00 20.66 -3.78
CA LYS B 386 -8.83 20.39 -2.94
C LYS B 386 -7.91 19.35 -3.47
N LEU B 387 -8.45 18.38 -4.22
CA LEU B 387 -7.62 17.34 -4.85
C LEU B 387 -7.85 17.36 -6.36
N ALA B 388 -6.74 17.52 -7.10
CA ALA B 388 -6.74 17.54 -8.56
C ALA B 388 -5.95 16.34 -9.14
N LEU B 389 -6.42 15.80 -10.26
CA LEU B 389 -5.74 14.71 -10.96
C LEU B 389 -5.41 15.16 -12.40
N GLN B 390 -4.16 14.94 -12.79
CA GLN B 390 -3.71 15.17 -14.17
C GLN B 390 -3.41 13.82 -14.84
N HIS B 391 -3.81 13.70 -16.11
CA HIS B 391 -3.61 12.54 -16.92
C HIS B 391 -3.16 12.96 -18.33
N ASN B 392 -1.97 12.52 -18.76
CA ASN B 392 -1.38 12.95 -20.03
C ASN B 392 -0.65 11.72 -20.58
N ILE B 393 -1.02 11.28 -21.78
CA ILE B 393 -0.49 10.05 -22.35
C ILE B 393 -0.03 10.30 -23.80
N GLY B 394 1.11 9.72 -24.15
CA GLY B 394 1.64 9.77 -25.50
C GLY B 394 1.88 8.35 -25.93
N LEU B 395 1.41 7.99 -27.12
CA LEU B 395 1.65 6.64 -27.61
C LEU B 395 3.14 6.49 -27.96
N GLY B 396 3.63 5.26 -27.85
CA GLY B 396 5.06 5.01 -28.06
C GLY B 396 5.70 4.14 -26.99
N GLY B 397 5.61 4.52 -25.73
CA GLY B 397 4.93 5.70 -25.25
C GLY B 397 4.99 5.74 -23.74
N ALA B 398 4.22 6.66 -23.14
CA ALA B 398 4.21 6.81 -21.69
C ALA B 398 3.00 7.62 -21.25
N VAL B 399 2.44 7.23 -20.11
CA VAL B 399 1.43 7.99 -19.43
C VAL B 399 2.02 8.56 -18.14
N VAL B 400 1.60 9.76 -17.78
CA VAL B 400 1.93 10.35 -16.51
C VAL B 400 0.63 10.77 -15.88
N VAL B 401 0.38 10.22 -14.70
CA VAL B 401 -0.70 10.65 -13.85
C VAL B 401 -0.09 11.36 -12.67
N THR B 402 -0.65 12.53 -12.36
CA THR B 402 -0.16 13.36 -11.25
C THR B 402 -1.33 13.77 -10.39
N LEU B 403 -1.15 13.71 -9.07
CA LEU B 403 -2.13 14.21 -8.09
C LEU B 403 -1.58 15.43 -7.36
N TYR B 404 -2.42 16.42 -7.21
CA TYR B 404 -2.04 17.69 -6.59
C TYR B 404 -2.98 18.09 -5.44
N LYS B 405 -2.41 18.74 -4.44
CA LYS B 405 -3.15 19.37 -3.35
C LYS B 405 -2.35 20.59 -2.94
N MET B 406 -3.01 21.62 -2.41
CA MET B 406 -2.27 22.74 -1.79
C MET B 406 -1.33 22.22 -0.71
N GLY B 407 -0.12 22.74 -0.69
CA GLY B 407 0.88 22.28 0.25
C GLY B 407 0.67 22.74 1.69
N PHE B 408 0.04 23.92 1.86
CA PHE B 408 -0.08 24.57 3.18
C PHE B 408 -1.47 25.21 3.38
N PRO B 409 -2.54 24.41 3.36
CA PRO B 409 -3.92 24.99 3.26
C PRO B 409 -4.39 25.82 4.49
#